data_6E7L
# 
_entry.id   6E7L 
# 
_audit_conform.dict_name       mmcif_pdbx.dic 
_audit_conform.dict_version    5.389 
_audit_conform.dict_location   http://mmcif.pdb.org/dictionaries/ascii/mmcif_pdbx.dic 
# 
loop_
_database_2.database_id 
_database_2.database_code 
_database_2.pdbx_database_accession 
_database_2.pdbx_DOI 
PDB   6E7L         pdb_00006e7l 10.2210/pdb6e7l/pdb 
WWPDB D_1000235861 ?            ?                   
# 
loop_
_pdbx_audit_revision_history.ordinal 
_pdbx_audit_revision_history.data_content_type 
_pdbx_audit_revision_history.major_revision 
_pdbx_audit_revision_history.minor_revision 
_pdbx_audit_revision_history.revision_date 
1 'Structure model' 1 0 2019-07-31 
2 'Structure model' 1 1 2019-10-16 
3 'Structure model' 1 2 2019-11-13 
4 'Structure model' 1 3 2019-12-11 
5 'Structure model' 1 4 2024-03-13 
6 'Structure model' 1 5 2024-04-03 
# 
_pdbx_audit_revision_details.ordinal             1 
_pdbx_audit_revision_details.revision_ordinal    1 
_pdbx_audit_revision_details.data_content_type   'Structure model' 
_pdbx_audit_revision_details.provider            repository 
_pdbx_audit_revision_details.type                'Initial release' 
_pdbx_audit_revision_details.description         ? 
_pdbx_audit_revision_details.details             ? 
# 
loop_
_pdbx_audit_revision_group.ordinal 
_pdbx_audit_revision_group.revision_ordinal 
_pdbx_audit_revision_group.data_content_type 
_pdbx_audit_revision_group.group 
1 2 'Structure model' 'Data collection'            
2 2 'Structure model' 'Database references'        
3 3 'Structure model' 'Database references'        
4 4 'Structure model' 'Author supporting evidence' 
5 5 'Structure model' 'Data collection'            
6 5 'Structure model' 'Database references'        
7 6 'Structure model' 'Refinement description'     
# 
loop_
_pdbx_audit_revision_category.ordinal 
_pdbx_audit_revision_category.revision_ordinal 
_pdbx_audit_revision_category.data_content_type 
_pdbx_audit_revision_category.category 
1 2 'Structure model' citation                      
2 2 'Structure model' citation_author               
3 3 'Structure model' citation                      
4 3 'Structure model' citation_author               
5 4 'Structure model' pdbx_audit_support            
6 5 'Structure model' chem_comp_atom                
7 5 'Structure model' chem_comp_bond                
8 5 'Structure model' database_2                    
9 6 'Structure model' pdbx_initial_refinement_model 
# 
loop_
_pdbx_audit_revision_item.ordinal 
_pdbx_audit_revision_item.revision_ordinal 
_pdbx_audit_revision_item.data_content_type 
_pdbx_audit_revision_item.item 
1  2 'Structure model' '_citation.country'                        
2  2 'Structure model' '_citation.journal_abbrev'                 
3  2 'Structure model' '_citation.journal_id_ASTM'                
4  2 'Structure model' '_citation.journal_id_CSD'                 
5  2 'Structure model' '_citation.journal_id_ISSN'                
6  2 'Structure model' '_citation.journal_volume'                 
7  2 'Structure model' '_citation.page_first'                     
8  2 'Structure model' '_citation.page_last'                      
9  2 'Structure model' '_citation.pdbx_database_id_DOI'           
10 2 'Structure model' '_citation.title'                          
11 2 'Structure model' '_citation.year'                           
12 4 'Structure model' '_pdbx_audit_support.funding_organization' 
13 5 'Structure model' '_database_2.pdbx_DOI'                     
14 5 'Structure model' '_database_2.pdbx_database_accession'      
# 
_pdbx_database_status.status_code                     REL 
_pdbx_database_status.status_code_sf                  REL 
_pdbx_database_status.status_code_mr                  ? 
_pdbx_database_status.entry_id                        6E7L 
_pdbx_database_status.recvd_initial_deposition_date   2018-07-26 
_pdbx_database_status.SG_entry                        N 
_pdbx_database_status.deposit_site                    RCSB 
_pdbx_database_status.process_site                    RCSB 
_pdbx_database_status.status_code_cs                  ? 
_pdbx_database_status.methods_development_category    ? 
_pdbx_database_status.pdb_format_compatible           Y 
_pdbx_database_status.status_code_nmr_data            ? 
# 
loop_
_audit_author.name 
_audit_author.pdbx_ordinal 
_audit_author.identifier_ORCID 
'Montemayor, E.J.' 1 ? 
'Butcher, S.E.'    2 ? 
# 
loop_
_citation.abstract 
_citation.abstract_id_CAS 
_citation.book_id_ISBN 
_citation.book_publisher 
_citation.book_publisher_city 
_citation.book_title 
_citation.coordinate_linkage 
_citation.country 
_citation.database_id_Medline 
_citation.details 
_citation.id 
_citation.journal_abbrev 
_citation.journal_id_ASTM 
_citation.journal_id_CSD 
_citation.journal_id_ISSN 
_citation.journal_full 
_citation.journal_issue 
_citation.journal_volume 
_citation.language 
_citation.page_first 
_citation.page_last 
_citation.title 
_citation.year 
_citation.database_id_CSD 
_citation.pdbx_database_id_DOI 
_citation.pdbx_database_id_PubMed 
_citation.unpublished_flag 
? ? ? ? ? ? ? US ? ? primary 'Acta Crystallogr.,Sect.F' ACSFEN ? 2053-230X ? ? 75 ? 652 656 
'Structure of an RNA helix with pyrimidine mismatches and cross-strand stacking.' 2019 ? 10.1107/S2053230X19012172 31584014 ? 
? ? ? ? ? ? ? US ? ? 1       'Acta Crystallogr.,Sect.F' ACSFEN ? 2053-230X ? ? 75 ? 657 662 
'Structure of an RNA helix with pyrimidine mismatches and cross-strand stacking'  2019 ? 10.1107/S2053230X19012160 ?        ? 
# 
loop_
_citation_author.citation_id 
_citation_author.name 
_citation_author.ordinal 
_citation_author.identifier_ORCID 
primary 'Montemayor, E.J.' 1  0000-0001-7883-7706 
primary 'Virta, J.M.'      2  ?                   
primary 'Hagler, L.D.'     3  ?                   
primary 'Zimmerman, S.C.'  4  ?                   
primary 'Butcher, S.E.'    5  ?                   
1       'Montemayor, E.J.' 6  ?                   
1       'Virta, J.M.'      7  ?                   
1       'Hagler, L.D.'     8  ?                   
1       'Zimmerman, S.C.'  9  ?                   
1       'Butcher, S.E.'    10 ?                   
# 
loop_
_entity.id 
_entity.type 
_entity.src_method 
_entity.pdbx_description 
_entity.formula_weight 
_entity.pdbx_number_of_molecules 
_entity.pdbx_ec 
_entity.pdbx_mutation 
_entity.pdbx_fragment 
_entity.details 
1 polymer syn 
;RNA (5'-R(*GP*GP*GP*CP*UP*GP*CP*AP*CP*UP*UP*CP*GP*GP*UP*GP*CP*UP*GP*CP*CP*C)-3')
;
7018.178 1  ? ? ? ? 
2 water   nat water                                                                              18.015   11 ? ? ? ? 
# 
_entity_poly.entity_id                      1 
_entity_poly.type                           polyribonucleotide 
_entity_poly.nstd_linkage                   no 
_entity_poly.nstd_monomer                   no 
_entity_poly.pdbx_seq_one_letter_code       GGGCUGCACUUCGGUGCUGCCC 
_entity_poly.pdbx_seq_one_letter_code_can   GGGCUGCACUUCGGUGCUGCCC 
_entity_poly.pdbx_strand_id                 A 
_entity_poly.pdbx_target_identifier         ? 
# 
_pdbx_entity_nonpoly.entity_id   2 
_pdbx_entity_nonpoly.name        water 
_pdbx_entity_nonpoly.comp_id     HOH 
# 
loop_
_entity_poly_seq.entity_id 
_entity_poly_seq.num 
_entity_poly_seq.mon_id 
_entity_poly_seq.hetero 
1 1  G n 
1 2  G n 
1 3  G n 
1 4  C n 
1 5  U n 
1 6  G n 
1 7  C n 
1 8  A n 
1 9  C n 
1 10 U n 
1 11 U n 
1 12 C n 
1 13 G n 
1 14 G n 
1 15 U n 
1 16 G n 
1 17 C n 
1 18 U n 
1 19 G n 
1 20 C n 
1 21 C n 
1 22 C n 
# 
_pdbx_entity_src_syn.entity_id              1 
_pdbx_entity_src_syn.pdbx_src_id            1 
_pdbx_entity_src_syn.pdbx_alt_source_flag   sample 
_pdbx_entity_src_syn.pdbx_beg_seq_num       1 
_pdbx_entity_src_syn.pdbx_end_seq_num       22 
_pdbx_entity_src_syn.organism_scientific    'synthetic construct' 
_pdbx_entity_src_syn.organism_common_name   ? 
_pdbx_entity_src_syn.ncbi_taxonomy_id       32630 
_pdbx_entity_src_syn.details                ? 
# 
loop_
_chem_comp.id 
_chem_comp.type 
_chem_comp.mon_nstd_flag 
_chem_comp.name 
_chem_comp.pdbx_synonyms 
_chem_comp.formula 
_chem_comp.formula_weight 
A   'RNA linking' y "ADENOSINE-5'-MONOPHOSPHATE" ? 'C10 H14 N5 O7 P' 347.221 
C   'RNA linking' y "CYTIDINE-5'-MONOPHOSPHATE"  ? 'C9 H14 N3 O8 P'  323.197 
G   'RNA linking' y "GUANOSINE-5'-MONOPHOSPHATE" ? 'C10 H14 N5 O8 P' 363.221 
HOH non-polymer   . WATER                        ? 'H2 O'            18.015  
U   'RNA linking' y "URIDINE-5'-MONOPHOSPHATE"   ? 'C9 H13 N2 O9 P'  324.181 
# 
loop_
_pdbx_poly_seq_scheme.asym_id 
_pdbx_poly_seq_scheme.entity_id 
_pdbx_poly_seq_scheme.seq_id 
_pdbx_poly_seq_scheme.mon_id 
_pdbx_poly_seq_scheme.ndb_seq_num 
_pdbx_poly_seq_scheme.pdb_seq_num 
_pdbx_poly_seq_scheme.auth_seq_num 
_pdbx_poly_seq_scheme.pdb_mon_id 
_pdbx_poly_seq_scheme.auth_mon_id 
_pdbx_poly_seq_scheme.pdb_strand_id 
_pdbx_poly_seq_scheme.pdb_ins_code 
_pdbx_poly_seq_scheme.hetero 
A 1 1  G 1  1  1  G G A . n 
A 1 2  G 2  2  2  G G A . n 
A 1 3  G 3  3  3  G G A . n 
A 1 4  C 4  4  4  C C A . n 
A 1 5  U 5  5  5  U U A . n 
A 1 6  G 6  6  6  G G A . n 
A 1 7  C 7  7  7  C C A . n 
A 1 8  A 8  8  8  A A A . n 
A 1 9  C 9  9  9  C C A . n 
A 1 10 U 10 10 10 U U A . n 
A 1 11 U 11 11 11 U U A . n 
A 1 12 C 12 12 12 C C A . n 
A 1 13 G 13 13 13 G G A . n 
A 1 14 G 14 14 14 G G A . n 
A 1 15 U 15 15 15 U U A . n 
A 1 16 G 16 16 16 G G A . n 
A 1 17 C 17 17 17 C C A . n 
A 1 18 U 18 18 18 U U A . n 
A 1 19 G 19 19 19 G G A . n 
A 1 20 C 20 20 20 C C A . n 
A 1 21 C 21 21 21 C C A . n 
A 1 22 C 22 22 22 C C A . n 
# 
loop_
_pdbx_nonpoly_scheme.asym_id 
_pdbx_nonpoly_scheme.entity_id 
_pdbx_nonpoly_scheme.mon_id 
_pdbx_nonpoly_scheme.ndb_seq_num 
_pdbx_nonpoly_scheme.pdb_seq_num 
_pdbx_nonpoly_scheme.auth_seq_num 
_pdbx_nonpoly_scheme.pdb_mon_id 
_pdbx_nonpoly_scheme.auth_mon_id 
_pdbx_nonpoly_scheme.pdb_strand_id 
_pdbx_nonpoly_scheme.pdb_ins_code 
B 2 HOH 1  101 4  HOH HOH A . 
B 2 HOH 2  102 7  HOH HOH A . 
B 2 HOH 3  103 3  HOH HOH A . 
B 2 HOH 4  104 10 HOH HOH A . 
B 2 HOH 5  105 11 HOH HOH A . 
B 2 HOH 6  106 8  HOH HOH A . 
B 2 HOH 7  107 5  HOH HOH A . 
B 2 HOH 8  108 9  HOH HOH A . 
B 2 HOH 9  109 2  HOH HOH A . 
B 2 HOH 10 110 1  HOH HOH A . 
B 2 HOH 11 111 6  HOH HOH A . 
# 
loop_
_software.citation_id 
_software.classification 
_software.compiler_name 
_software.compiler_version 
_software.contact_author 
_software.contact_author_email 
_software.date 
_software.description 
_software.dependencies 
_software.hardware 
_software.language 
_software.location 
_software.mods 
_software.name 
_software.os 
_software.os_version 
_software.type 
_software.version 
_software.pdbx_ordinal 
? refinement       ? ? ? ? ? ? ? ? ? ? ? PHENIX  ? ? ? 1.13-2998 1 
? 'data reduction' ? ? ? ? ? ? ? ? ? ? ? XDS     ? ? ? 20180409  2 
? 'data scaling'   ? ? ? ? ? ? ? ? ? ? ? Aimless ? ? ? 0.7.1     3 
? phasing          ? ? ? ? ? ? ? ? ? ? ? PHASER  ? ? ? 2.8.1     4 
# 
_cell.angle_alpha                  90.00 
_cell.angle_alpha_esd              ? 
_cell.angle_beta                   90.00 
_cell.angle_beta_esd               ? 
_cell.angle_gamma                  90.00 
_cell.angle_gamma_esd              ? 
_cell.entry_id                     6E7L 
_cell.details                      ? 
_cell.formula_units_Z              ? 
_cell.length_a                     42.041 
_cell.length_a_esd                 ? 
_cell.length_b                     42.041 
_cell.length_b_esd                 ? 
_cell.length_c                     77.860 
_cell.length_c_esd                 ? 
_cell.volume                       ? 
_cell.volume_esd                   ? 
_cell.Z_PDB                        8 
_cell.reciprocal_angle_alpha       ? 
_cell.reciprocal_angle_beta        ? 
_cell.reciprocal_angle_gamma       ? 
_cell.reciprocal_angle_alpha_esd   ? 
_cell.reciprocal_angle_beta_esd    ? 
_cell.reciprocal_angle_gamma_esd   ? 
_cell.reciprocal_length_a          ? 
_cell.reciprocal_length_b          ? 
_cell.reciprocal_length_c          ? 
_cell.reciprocal_length_a_esd      ? 
_cell.reciprocal_length_b_esd      ? 
_cell.reciprocal_length_c_esd      ? 
_cell.pdbx_unique_axis             ? 
# 
_symmetry.entry_id                         6E7L 
_symmetry.cell_setting                     ? 
_symmetry.Int_Tables_number                92 
_symmetry.space_group_name_Hall            ? 
_symmetry.space_group_name_H-M             'P 41 21 2' 
_symmetry.pdbx_full_space_group_name_H-M   ? 
# 
_exptl.absorpt_coefficient_mu     ? 
_exptl.absorpt_correction_T_max   ? 
_exptl.absorpt_correction_T_min   ? 
_exptl.absorpt_correction_type    ? 
_exptl.absorpt_process_details    ? 
_exptl.entry_id                   6E7L 
_exptl.crystals_number            1 
_exptl.details                    ? 
_exptl.method                     'X-RAY DIFFRACTION' 
_exptl.method_details             ? 
# 
_exptl_crystal.colour                      ? 
_exptl_crystal.density_diffrn              ? 
_exptl_crystal.density_Matthews            2.45 
_exptl_crystal.density_method              ? 
_exptl_crystal.density_percent_sol         49.82 
_exptl_crystal.description                 ? 
_exptl_crystal.F_000                       ? 
_exptl_crystal.id                          1 
_exptl_crystal.preparation                 ? 
_exptl_crystal.size_max                    ? 
_exptl_crystal.size_mid                    ? 
_exptl_crystal.size_min                    ? 
_exptl_crystal.size_rad                    ? 
_exptl_crystal.colour_lustre               ? 
_exptl_crystal.colour_modifier             ? 
_exptl_crystal.colour_primary              ? 
_exptl_crystal.density_meas                ? 
_exptl_crystal.density_meas_esd            ? 
_exptl_crystal.density_meas_gt             ? 
_exptl_crystal.density_meas_lt             ? 
_exptl_crystal.density_meas_temp           ? 
_exptl_crystal.density_meas_temp_esd       ? 
_exptl_crystal.density_meas_temp_gt        ? 
_exptl_crystal.density_meas_temp_lt        ? 
_exptl_crystal.pdbx_crystal_image_url      ? 
_exptl_crystal.pdbx_crystal_image_format   ? 
_exptl_crystal.pdbx_mosaicity              ? 
_exptl_crystal.pdbx_mosaicity_esd          ? 
# 
_exptl_crystal_grow.apparatus       ? 
_exptl_crystal_grow.atmosphere      ? 
_exptl_crystal_grow.crystal_id      1 
_exptl_crystal_grow.details         ? 
_exptl_crystal_grow.method          'VAPOR DIFFUSION' 
_exptl_crystal_grow.method_ref      ? 
_exptl_crystal_grow.pH              ? 
_exptl_crystal_grow.pressure        ? 
_exptl_crystal_grow.pressure_esd    ? 
_exptl_crystal_grow.seeding         ? 
_exptl_crystal_grow.seeding_ref     ? 
_exptl_crystal_grow.temp            289 
_exptl_crystal_grow.temp_details    ? 
_exptl_crystal_grow.temp_esd        ? 
_exptl_crystal_grow.time            ? 
_exptl_crystal_grow.pdbx_details    
;20 mM bis-tris pH 6.5
100 mM sodium HEPES pH 7.4
20 % PEG 3,350
20 % glycerol
10 % MPD
;
_exptl_crystal_grow.pdbx_pH_range   ? 
# 
_diffrn.ambient_environment              ? 
_diffrn.ambient_temp                     100 
_diffrn.ambient_temp_details             ? 
_diffrn.ambient_temp_esd                 ? 
_diffrn.crystal_id                       1 
_diffrn.crystal_support                  ? 
_diffrn.crystal_treatment                ? 
_diffrn.details                          ? 
_diffrn.id                               1 
_diffrn.ambient_pressure                 ? 
_diffrn.ambient_pressure_esd             ? 
_diffrn.ambient_pressure_gt              ? 
_diffrn.ambient_pressure_lt              ? 
_diffrn.ambient_temp_gt                  ? 
_diffrn.ambient_temp_lt                  ? 
_diffrn.pdbx_serial_crystal_experiment   ? 
# 
_diffrn_detector.details                      ? 
_diffrn_detector.detector                     PIXEL 
_diffrn_detector.diffrn_id                    1 
_diffrn_detector.type                         'DECTRIS EIGER X 16M' 
_diffrn_detector.area_resol_mean              ? 
_diffrn_detector.dtime                        ? 
_diffrn_detector.pdbx_frames_total            ? 
_diffrn_detector.pdbx_collection_time_total   ? 
_diffrn_detector.pdbx_collection_date         2018-03-22 
_diffrn_detector.pdbx_frequency               ? 
# 
_diffrn_radiation.collimation                      ? 
_diffrn_radiation.diffrn_id                        1 
_diffrn_radiation.filter_edge                      ? 
_diffrn_radiation.inhomogeneity                    ? 
_diffrn_radiation.monochromator                    ? 
_diffrn_radiation.polarisn_norm                    ? 
_diffrn_radiation.polarisn_ratio                   ? 
_diffrn_radiation.probe                            ? 
_diffrn_radiation.type                             ? 
_diffrn_radiation.xray_symbol                      ? 
_diffrn_radiation.wavelength_id                    1 
_diffrn_radiation.pdbx_monochromatic_or_laue_m_l   M 
_diffrn_radiation.pdbx_wavelength_list             ? 
_diffrn_radiation.pdbx_wavelength                  ? 
_diffrn_radiation.pdbx_diffrn_protocol             'SINGLE WAVELENGTH' 
_diffrn_radiation.pdbx_analyzer                    ? 
_diffrn_radiation.pdbx_scattering_type             x-ray 
# 
_diffrn_radiation_wavelength.id           1 
_diffrn_radiation_wavelength.wavelength   0.9792 
_diffrn_radiation_wavelength.wt           1.0 
# 
_diffrn_source.current                     ? 
_diffrn_source.details                     ? 
_diffrn_source.diffrn_id                   1 
_diffrn_source.power                       ? 
_diffrn_source.size                        ? 
_diffrn_source.source                      SYNCHROTRON 
_diffrn_source.target                      ? 
_diffrn_source.type                        'APS BEAMLINE 24-ID-E' 
_diffrn_source.voltage                     ? 
_diffrn_source.take-off_angle              ? 
_diffrn_source.pdbx_wavelength_list        0.9792 
_diffrn_source.pdbx_wavelength             ? 
_diffrn_source.pdbx_synchrotron_beamline   24-ID-E 
_diffrn_source.pdbx_synchrotron_site       APS 
# 
_reflns.B_iso_Wilson_estimate            ? 
_reflns.entry_id                         6E7L 
_reflns.data_reduction_details           ? 
_reflns.data_reduction_method            ? 
_reflns.d_resolution_high                2.59 
_reflns.d_resolution_low                 77.86 
_reflns.details                          ? 
_reflns.limit_h_max                      ? 
_reflns.limit_h_min                      ? 
_reflns.limit_k_max                      ? 
_reflns.limit_k_min                      ? 
_reflns.limit_l_max                      ? 
_reflns.limit_l_min                      ? 
_reflns.number_all                       ? 
_reflns.number_obs                       2473 
_reflns.observed_criterion               ? 
_reflns.observed_criterion_F_max         ? 
_reflns.observed_criterion_F_min         ? 
_reflns.observed_criterion_I_max         ? 
_reflns.observed_criterion_I_min         ? 
_reflns.observed_criterion_sigma_F       ? 
_reflns.observed_criterion_sigma_I       ? 
_reflns.percent_possible_obs             100 
_reflns.R_free_details                   ? 
_reflns.Rmerge_F_all                     ? 
_reflns.Rmerge_F_obs                     ? 
_reflns.Friedel_coverage                 ? 
_reflns.number_gt                        ? 
_reflns.threshold_expression             ? 
_reflns.pdbx_redundancy                  23.7 
_reflns.pdbx_Rmerge_I_obs                ? 
_reflns.pdbx_Rmerge_I_all                ? 
_reflns.pdbx_Rsym_value                  ? 
_reflns.pdbx_netI_over_av_sigmaI         ? 
_reflns.pdbx_netI_over_sigmaI            20.0 
_reflns.pdbx_res_netI_over_av_sigmaI_2   ? 
_reflns.pdbx_res_netI_over_sigmaI_2      ? 
_reflns.pdbx_chi_squared                 ? 
_reflns.pdbx_scaling_rejects             ? 
_reflns.pdbx_d_res_high_opt              ? 
_reflns.pdbx_d_res_low_opt               ? 
_reflns.pdbx_d_res_opt_method            ? 
_reflns.phase_calculation_details        ? 
_reflns.pdbx_Rrim_I_all                  ? 
_reflns.pdbx_Rpim_I_all                  0.022 
_reflns.pdbx_d_opt                       ? 
_reflns.pdbx_number_measured_all         ? 
_reflns.pdbx_diffrn_id                   1 
_reflns.pdbx_ordinal                     1 
_reflns.pdbx_CC_half                     1.000 
_reflns.pdbx_R_split                     ? 
# 
_reflns_shell.d_res_high                  2.59 
_reflns_shell.d_res_low                   2.71 
_reflns_shell.meanI_over_sigI_all         ? 
_reflns_shell.meanI_over_sigI_obs         1.3 
_reflns_shell.number_measured_all         ? 
_reflns_shell.number_measured_obs         ? 
_reflns_shell.number_possible             ? 
_reflns_shell.number_unique_all           ? 
_reflns_shell.number_unique_obs           294 
_reflns_shell.percent_possible_all        100 
_reflns_shell.percent_possible_obs        ? 
_reflns_shell.Rmerge_F_all                ? 
_reflns_shell.Rmerge_F_obs                ? 
_reflns_shell.Rmerge_I_all                ? 
_reflns_shell.Rmerge_I_obs                ? 
_reflns_shell.meanI_over_sigI_gt          ? 
_reflns_shell.meanI_over_uI_all           ? 
_reflns_shell.meanI_over_uI_gt            ? 
_reflns_shell.number_measured_gt          ? 
_reflns_shell.number_unique_gt            ? 
_reflns_shell.percent_possible_gt         ? 
_reflns_shell.Rmerge_F_gt                 ? 
_reflns_shell.Rmerge_I_gt                 ? 
_reflns_shell.pdbx_redundancy             25.3 
_reflns_shell.pdbx_Rsym_value             ? 
_reflns_shell.pdbx_chi_squared            ? 
_reflns_shell.pdbx_netI_over_sigmaI_all   ? 
_reflns_shell.pdbx_netI_over_sigmaI_obs   ? 
_reflns_shell.pdbx_Rrim_I_all             ? 
_reflns_shell.pdbx_Rpim_I_all             0.593 
_reflns_shell.pdbx_rejects                ? 
_reflns_shell.pdbx_ordinal                1 
_reflns_shell.pdbx_diffrn_id              1 
_reflns_shell.pdbx_CC_half                0.530 
_reflns_shell.pdbx_R_split                ? 
# 
_refine.aniso_B[1][1]                            ? 
_refine.aniso_B[1][2]                            ? 
_refine.aniso_B[1][3]                            ? 
_refine.aniso_B[2][2]                            ? 
_refine.aniso_B[2][3]                            ? 
_refine.aniso_B[3][3]                            ? 
_refine.B_iso_max                                ? 
_refine.B_iso_mean                               ? 
_refine.B_iso_min                                ? 
_refine.correlation_coeff_Fo_to_Fc               ? 
_refine.correlation_coeff_Fo_to_Fc_free          ? 
_refine.details                                  ? 
_refine.diff_density_max                         ? 
_refine.diff_density_max_esd                     ? 
_refine.diff_density_min                         ? 
_refine.diff_density_min_esd                     ? 
_refine.diff_density_rms                         ? 
_refine.diff_density_rms_esd                     ? 
_refine.entry_id                                 6E7L 
_refine.pdbx_refine_id                           'X-RAY DIFFRACTION' 
_refine.ls_abs_structure_details                 ? 
_refine.ls_abs_structure_Flack                   ? 
_refine.ls_abs_structure_Flack_esd               ? 
_refine.ls_abs_structure_Rogers                  ? 
_refine.ls_abs_structure_Rogers_esd              ? 
_refine.ls_d_res_high                            2.590 
_refine.ls_d_res_low                             36.993 
_refine.ls_extinction_coef                       ? 
_refine.ls_extinction_coef_esd                   ? 
_refine.ls_extinction_expression                 ? 
_refine.ls_extinction_method                     ? 
_refine.ls_goodness_of_fit_all                   ? 
_refine.ls_goodness_of_fit_all_esd               ? 
_refine.ls_goodness_of_fit_obs                   ? 
_refine.ls_goodness_of_fit_obs_esd               ? 
_refine.ls_hydrogen_treatment                    ? 
_refine.ls_matrix_type                           ? 
_refine.ls_number_constraints                    ? 
_refine.ls_number_parameters                     ? 
_refine.ls_number_reflns_all                     ? 
_refine.ls_number_reflns_obs                     4149 
_refine.ls_number_reflns_R_free                  416 
_refine.ls_number_reflns_R_work                  ? 
_refine.ls_number_restraints                     ? 
_refine.ls_percent_reflns_obs                    99.90 
_refine.ls_percent_reflns_R_free                 10.03 
_refine.ls_R_factor_all                          ? 
_refine.ls_R_factor_obs                          0.1792 
_refine.ls_R_factor_R_free                       0.2102 
_refine.ls_R_factor_R_free_error                 ? 
_refine.ls_R_factor_R_free_error_details         ? 
_refine.ls_R_factor_R_work                       0.1757 
_refine.ls_R_Fsqd_factor_obs                     ? 
_refine.ls_R_I_factor_obs                        ? 
_refine.ls_redundancy_reflns_all                 ? 
_refine.ls_redundancy_reflns_obs                 ? 
_refine.ls_restrained_S_all                      ? 
_refine.ls_restrained_S_obs                      ? 
_refine.ls_shift_over_esd_max                    ? 
_refine.ls_shift_over_esd_mean                   ? 
_refine.ls_structure_factor_coef                 ? 
_refine.ls_weighting_details                     ? 
_refine.ls_weighting_scheme                      ? 
_refine.ls_wR_factor_all                         ? 
_refine.ls_wR_factor_obs                         ? 
_refine.ls_wR_factor_R_free                      ? 
_refine.ls_wR_factor_R_work                      ? 
_refine.occupancy_max                            ? 
_refine.occupancy_min                            ? 
_refine.solvent_model_details                    ? 
_refine.solvent_model_param_bsol                 ? 
_refine.solvent_model_param_ksol                 ? 
_refine.ls_R_factor_gt                           ? 
_refine.ls_goodness_of_fit_gt                    ? 
_refine.ls_goodness_of_fit_ref                   ? 
_refine.ls_shift_over_su_max                     ? 
_refine.ls_shift_over_su_max_lt                  ? 
_refine.ls_shift_over_su_mean                    ? 
_refine.ls_shift_over_su_mean_lt                 ? 
_refine.pdbx_ls_sigma_I                          ? 
_refine.pdbx_ls_sigma_F                          1.98 
_refine.pdbx_ls_sigma_Fsqd                       ? 
_refine.pdbx_data_cutoff_high_absF               ? 
_refine.pdbx_data_cutoff_high_rms_absF           ? 
_refine.pdbx_data_cutoff_low_absF                ? 
_refine.pdbx_isotropic_thermal_model             ? 
_refine.pdbx_ls_cross_valid_method               'FREE R-VALUE' 
_refine.pdbx_method_to_determine_struct          'MOLECULAR REPLACEMENT' 
_refine.pdbx_starting_model                      'ideal A-form RNA, single stranded' 
_refine.pdbx_stereochemistry_target_values       ? 
_refine.pdbx_R_Free_selection_details            ? 
_refine.pdbx_stereochem_target_val_spec_case     ? 
_refine.pdbx_overall_ESU_R                       ? 
_refine.pdbx_overall_ESU_R_Free                  ? 
_refine.pdbx_solvent_vdw_probe_radii             1.11 
_refine.pdbx_solvent_ion_probe_radii             ? 
_refine.pdbx_solvent_shrinkage_radii             0.90 
_refine.pdbx_real_space_R                        ? 
_refine.pdbx_density_correlation                 ? 
_refine.pdbx_pd_number_of_powder_patterns        ? 
_refine.pdbx_pd_number_of_points                 ? 
_refine.pdbx_pd_meas_number_of_points            ? 
_refine.pdbx_pd_proc_ls_prof_R_factor            ? 
_refine.pdbx_pd_proc_ls_prof_wR_factor           ? 
_refine.pdbx_pd_Marquardt_correlation_coeff      ? 
_refine.pdbx_pd_Fsqrd_R_factor                   ? 
_refine.pdbx_pd_ls_matrix_band_width             ? 
_refine.pdbx_overall_phase_error                 28.98 
_refine.pdbx_overall_SU_R_free_Cruickshank_DPI   ? 
_refine.pdbx_overall_SU_R_free_Blow_DPI          ? 
_refine.pdbx_overall_SU_R_Blow_DPI               ? 
_refine.pdbx_TLS_residual_ADP_flag               ? 
_refine.pdbx_diffrn_id                           1 
_refine.overall_SU_B                             ? 
_refine.overall_SU_ML                            0.58 
_refine.overall_SU_R_Cruickshank_DPI             ? 
_refine.overall_SU_R_free                        ? 
_refine.overall_FOM_free_R_set                   ? 
_refine.overall_FOM_work_R_set                   ? 
_refine.pdbx_average_fsc_overall                 ? 
_refine.pdbx_average_fsc_work                    ? 
_refine.pdbx_average_fsc_free                    ? 
# 
_refine_hist.pdbx_refine_id                   'X-RAY DIFFRACTION' 
_refine_hist.cycle_id                         LAST 
_refine_hist.pdbx_number_atoms_protein        0 
_refine_hist.pdbx_number_atoms_nucleic_acid   463 
_refine_hist.pdbx_number_atoms_ligand         0 
_refine_hist.number_atoms_solvent             11 
_refine_hist.number_atoms_total               474 
_refine_hist.d_res_high                       2.590 
_refine_hist.d_res_low                        36.993 
# 
loop_
_refine_ls_restr.pdbx_refine_id 
_refine_ls_restr.criterion 
_refine_ls_restr.dev_ideal 
_refine_ls_restr.dev_ideal_target 
_refine_ls_restr.number 
_refine_ls_restr.rejects 
_refine_ls_restr.type 
_refine_ls_restr.weight 
_refine_ls_restr.pdbx_restraint_function 
'X-RAY DIFFRACTION' ? 0.012 ? 515 ? f_bond_d           ? ? 
'X-RAY DIFFRACTION' ? 1.940 ? 801 ? f_angle_d          ? ? 
'X-RAY DIFFRACTION' ? 9.777 ? 260 ? f_dihedral_angle_d ? ? 
'X-RAY DIFFRACTION' ? 0.086 ? 109 ? f_chiral_restr     ? ? 
'X-RAY DIFFRACTION' ? 0.015 ? 22  ? f_plane_restr      ? ? 
# 
loop_
_refine_ls_shell.pdbx_refine_id 
_refine_ls_shell.d_res_high 
_refine_ls_shell.d_res_low 
_refine_ls_shell.number_reflns_all 
_refine_ls_shell.number_reflns_obs 
_refine_ls_shell.number_reflns_R_free 
_refine_ls_shell.number_reflns_R_work 
_refine_ls_shell.percent_reflns_obs 
_refine_ls_shell.percent_reflns_R_free 
_refine_ls_shell.R_factor_all 
_refine_ls_shell.R_factor_obs 
_refine_ls_shell.R_factor_R_free 
_refine_ls_shell.R_factor_R_free_error 
_refine_ls_shell.R_factor_R_work 
_refine_ls_shell.redundancy_reflns_all 
_refine_ls_shell.redundancy_reflns_obs 
_refine_ls_shell.wR_factor_all 
_refine_ls_shell.wR_factor_obs 
_refine_ls_shell.wR_factor_R_free 
_refine_ls_shell.wR_factor_R_work 
_refine_ls_shell.pdbx_total_number_of_bins_used 
_refine_ls_shell.pdbx_phase_error 
_refine_ls_shell.pdbx_fsc_work 
_refine_ls_shell.pdbx_fsc_free 
'X-RAY DIFFRACTION' 2.5901 2.9647  . . 138 1259 100.00 . . . 0.4601 . 0.3528 . . . . . . . . . . 
'X-RAY DIFFRACTION' 2.9647 3.7347  . . 142 1222 100.00 . . . 0.2482 . 0.2154 . . . . . . . . . . 
'X-RAY DIFFRACTION' 3.7347 36.9965 . . 136 1252 100.00 . . . 0.1610 . 0.1284 . . . . . . . . . . 
# 
_struct.entry_id                     6E7L 
_struct.title                        'Structure of a dimerized UUCG motif' 
_struct.pdbx_model_details           ? 
_struct.pdbx_formula_weight          ? 
_struct.pdbx_formula_weight_method   ? 
_struct.pdbx_model_type_details      ? 
_struct.pdbx_CASP_flag               N 
# 
_struct_keywords.entry_id        6E7L 
_struct_keywords.text            'UUCG tetraloop dimer, RNA' 
_struct_keywords.pdbx_keywords   RNA 
# 
loop_
_struct_asym.id 
_struct_asym.pdbx_blank_PDB_chainid_flag 
_struct_asym.pdbx_modified 
_struct_asym.entity_id 
_struct_asym.details 
A N N 1 ? 
B N N 2 ? 
# 
_struct_ref.id                         1 
_struct_ref.db_name                    PDB 
_struct_ref.db_code                    6E7L 
_struct_ref.pdbx_db_accession          6E7L 
_struct_ref.pdbx_db_isoform            ? 
_struct_ref.entity_id                  1 
_struct_ref.pdbx_seq_one_letter_code   ? 
_struct_ref.pdbx_align_begin           1 
# 
_struct_ref_seq.align_id                      1 
_struct_ref_seq.ref_id                        1 
_struct_ref_seq.pdbx_PDB_id_code              6E7L 
_struct_ref_seq.pdbx_strand_id                A 
_struct_ref_seq.seq_align_beg                 1 
_struct_ref_seq.pdbx_seq_align_beg_ins_code   ? 
_struct_ref_seq.seq_align_end                 22 
_struct_ref_seq.pdbx_seq_align_end_ins_code   ? 
_struct_ref_seq.pdbx_db_accession             6E7L 
_struct_ref_seq.db_align_beg                  1 
_struct_ref_seq.pdbx_db_align_beg_ins_code    ? 
_struct_ref_seq.db_align_end                  22 
_struct_ref_seq.pdbx_db_align_end_ins_code    ? 
_struct_ref_seq.pdbx_auth_seq_align_beg       1 
_struct_ref_seq.pdbx_auth_seq_align_end       22 
# 
_pdbx_struct_assembly.id                   1 
_pdbx_struct_assembly.details              author_and_software_defined_assembly 
_pdbx_struct_assembly.method_details       PISA 
_pdbx_struct_assembly.oligomeric_details   dimeric 
_pdbx_struct_assembly.oligomeric_count     2 
# 
loop_
_pdbx_struct_assembly_prop.biol_id 
_pdbx_struct_assembly_prop.type 
_pdbx_struct_assembly_prop.value 
_pdbx_struct_assembly_prop.details 
1 'ABSA (A^2)' 2200 ? 
1 MORE         -20  ? 
1 'SSA (A^2)'  7760 ? 
# 
_pdbx_struct_assembly_gen.assembly_id       1 
_pdbx_struct_assembly_gen.oper_expression   1,2 
_pdbx_struct_assembly_gen.asym_id_list      A,B 
# 
_pdbx_struct_assembly_auth_evidence.id                     1 
_pdbx_struct_assembly_auth_evidence.assembly_id            1 
_pdbx_struct_assembly_auth_evidence.experimental_support   none 
_pdbx_struct_assembly_auth_evidence.details                ? 
# 
loop_
_pdbx_struct_oper_list.id 
_pdbx_struct_oper_list.type 
_pdbx_struct_oper_list.name 
_pdbx_struct_oper_list.symmetry_operation 
_pdbx_struct_oper_list.matrix[1][1] 
_pdbx_struct_oper_list.matrix[1][2] 
_pdbx_struct_oper_list.matrix[1][3] 
_pdbx_struct_oper_list.vector[1] 
_pdbx_struct_oper_list.matrix[2][1] 
_pdbx_struct_oper_list.matrix[2][2] 
_pdbx_struct_oper_list.matrix[2][3] 
_pdbx_struct_oper_list.vector[2] 
_pdbx_struct_oper_list.matrix[3][1] 
_pdbx_struct_oper_list.matrix[3][2] 
_pdbx_struct_oper_list.matrix[3][3] 
_pdbx_struct_oper_list.vector[3] 
1 'identity operation'         1_555 x,y,z      1.0000000000 0.0000000000  0.0000000000  0.0000000000  0.0000000000  1.0000000000  0.0000000000 0.0000000000 0.0000000000  0.0000000000 1.0000000000  0.0000000000  
2 'crystal symmetry operation' 7_375 y-2,x+2,-z 0.3948225089 -0.2757850222 -0.8763890734 -1.1841652449 -0.2757850222 -0.9454716439 0.1732800973 1.5534465022 -0.8763890734 0.1732800973 -0.4493508650 -2.3735092999 
# 
loop_
_struct_conn.id 
_struct_conn.conn_type_id 
_struct_conn.pdbx_leaving_atom_flag 
_struct_conn.pdbx_PDB_id 
_struct_conn.ptnr1_label_asym_id 
_struct_conn.ptnr1_label_comp_id 
_struct_conn.ptnr1_label_seq_id 
_struct_conn.ptnr1_label_atom_id 
_struct_conn.pdbx_ptnr1_label_alt_id 
_struct_conn.pdbx_ptnr1_PDB_ins_code 
_struct_conn.pdbx_ptnr1_standard_comp_id 
_struct_conn.ptnr1_symmetry 
_struct_conn.ptnr2_label_asym_id 
_struct_conn.ptnr2_label_comp_id 
_struct_conn.ptnr2_label_seq_id 
_struct_conn.ptnr2_label_atom_id 
_struct_conn.pdbx_ptnr2_label_alt_id 
_struct_conn.pdbx_ptnr2_PDB_ins_code 
_struct_conn.ptnr1_auth_asym_id 
_struct_conn.ptnr1_auth_comp_id 
_struct_conn.ptnr1_auth_seq_id 
_struct_conn.ptnr2_auth_asym_id 
_struct_conn.ptnr2_auth_comp_id 
_struct_conn.ptnr2_auth_seq_id 
_struct_conn.ptnr2_symmetry 
_struct_conn.pdbx_ptnr3_label_atom_id 
_struct_conn.pdbx_ptnr3_label_seq_id 
_struct_conn.pdbx_ptnr3_label_comp_id 
_struct_conn.pdbx_ptnr3_label_asym_id 
_struct_conn.pdbx_ptnr3_label_alt_id 
_struct_conn.pdbx_ptnr3_PDB_ins_code 
_struct_conn.details 
_struct_conn.pdbx_dist_value 
_struct_conn.pdbx_value_order 
_struct_conn.pdbx_role 
hydrog1  hydrog ? ? A G 1  N1 ? ? ? 1_555 A C 22 N3 ? ? A G 1  A C 22 7_375 ? ? ? ? ? ? WATSON-CRICK  ? ? ? 
hydrog2  hydrog ? ? A G 1  N2 ? ? ? 1_555 A C 22 O2 ? ? A G 1  A C 22 7_375 ? ? ? ? ? ? WATSON-CRICK  ? ? ? 
hydrog3  hydrog ? ? A G 1  O6 ? ? ? 1_555 A C 22 N4 ? ? A G 1  A C 22 7_375 ? ? ? ? ? ? WATSON-CRICK  ? ? ? 
hydrog4  hydrog ? ? A G 2  N1 ? ? ? 1_555 A C 21 N3 ? ? A G 2  A C 21 7_375 ? ? ? ? ? ? WATSON-CRICK  ? ? ? 
hydrog5  hydrog ? ? A G 2  N2 ? ? ? 1_555 A C 21 O2 ? ? A G 2  A C 21 7_375 ? ? ? ? ? ? WATSON-CRICK  ? ? ? 
hydrog6  hydrog ? ? A G 2  O6 ? ? ? 1_555 A C 21 N4 ? ? A G 2  A C 21 7_375 ? ? ? ? ? ? WATSON-CRICK  ? ? ? 
hydrog7  hydrog ? ? A G 3  N1 ? ? ? 1_555 A C 20 N3 ? ? A G 3  A C 20 7_375 ? ? ? ? ? ? WATSON-CRICK  ? ? ? 
hydrog8  hydrog ? ? A G 3  N2 ? ? ? 1_555 A C 20 O2 ? ? A G 3  A C 20 7_375 ? ? ? ? ? ? WATSON-CRICK  ? ? ? 
hydrog9  hydrog ? ? A G 3  O6 ? ? ? 1_555 A C 20 N4 ? ? A G 3  A C 20 7_375 ? ? ? ? ? ? WATSON-CRICK  ? ? ? 
hydrog10 hydrog ? ? A C 4  N3 ? ? ? 1_555 A G 19 N1 ? ? A C 4  A G 19 7_375 ? ? ? ? ? ? WATSON-CRICK  ? ? ? 
hydrog11 hydrog ? ? A C 4  N4 ? ? ? 1_555 A G 19 O6 ? ? A C 4  A G 19 7_375 ? ? ? ? ? ? WATSON-CRICK  ? ? ? 
hydrog12 hydrog ? ? A C 4  O2 ? ? ? 1_555 A G 19 N2 ? ? A C 4  A G 19 7_375 ? ? ? ? ? ? WATSON-CRICK  ? ? ? 
hydrog13 hydrog ? ? A U 5  N3 ? ? ? 1_555 A U 18 O4 ? ? A U 5  A U 18 7_375 ? ? ? ? ? ? TYPE_16_PAIR  ? ? ? 
hydrog14 hydrog ? ? A U 5  O2 ? ? ? 1_555 A U 18 N3 ? ? A U 5  A U 18 7_375 ? ? ? ? ? ? TYPE_16_PAIR  ? ? ? 
hydrog15 hydrog ? ? A G 6  N1 ? ? ? 1_555 A C 17 N3 ? ? A G 6  A C 17 7_375 ? ? ? ? ? ? WATSON-CRICK  ? ? ? 
hydrog16 hydrog ? ? A G 6  N2 ? ? ? 1_555 A C 17 O2 ? ? A G 6  A C 17 7_375 ? ? ? ? ? ? WATSON-CRICK  ? ? ? 
hydrog17 hydrog ? ? A G 6  O6 ? ? ? 1_555 A C 17 N4 ? ? A G 6  A C 17 7_375 ? ? ? ? ? ? WATSON-CRICK  ? ? ? 
hydrog18 hydrog ? ? A C 7  N3 ? ? ? 1_555 A G 16 N1 ? ? A C 7  A G 16 7_375 ? ? ? ? ? ? WATSON-CRICK  ? ? ? 
hydrog19 hydrog ? ? A C 7  N4 ? ? ? 1_555 A G 16 O6 ? ? A C 7  A G 16 7_375 ? ? ? ? ? ? WATSON-CRICK  ? ? ? 
hydrog20 hydrog ? ? A C 7  O2 ? ? ? 1_555 A G 16 N2 ? ? A C 7  A G 16 7_375 ? ? ? ? ? ? WATSON-CRICK  ? ? ? 
hydrog21 hydrog ? ? A A 8  N1 ? ? ? 1_555 A U 15 N3 ? ? A A 8  A U 15 7_375 ? ? ? ? ? ? WATSON-CRICK  ? ? ? 
hydrog22 hydrog ? ? A A 8  N6 ? ? ? 1_555 A U 15 O4 ? ? A A 8  A U 15 7_375 ? ? ? ? ? ? WATSON-CRICK  ? ? ? 
hydrog23 hydrog ? ? A C 9  N3 ? ? ? 1_555 A G 14 N1 ? ? A C 9  A G 14 7_375 ? ? ? ? ? ? WATSON-CRICK  ? ? ? 
hydrog24 hydrog ? ? A C 9  N4 ? ? ? 1_555 A G 14 O6 ? ? A C 9  A G 14 7_375 ? ? ? ? ? ? WATSON-CRICK  ? ? ? 
hydrog25 hydrog ? ? A C 9  O2 ? ? ? 1_555 A G 14 N2 ? ? A C 9  A G 14 7_375 ? ? ? ? ? ? WATSON-CRICK  ? ? ? 
hydrog26 hydrog ? ? A U 10 N3 ? ? ? 1_555 A G 13 O6 ? ? A U 10 A G 13 7_375 ? ? ? ? ? ? TYPE_28_PAIR  ? ? ? 
hydrog27 hydrog ? ? A U 10 O2 ? ? ? 1_555 A G 13 N1 ? ? A U 10 A G 13 7_375 ? ? ? ? ? ? TYPE_28_PAIR  ? ? ? 
hydrog28 hydrog ? ? A U 11 O2 ? ? ? 1_555 A C 12 N4 ? ? A U 11 A C 12 7_375 ? ? ? ? ? ? 'U-C MISPAIR' ? ? ? 
hydrog29 hydrog ? ? A C 12 N4 ? ? ? 1_555 A U 11 O2 ? ? A C 12 A U 11 7_375 ? ? ? ? ? ? 'C-U MISPAIR' ? ? ? 
hydrog30 hydrog ? ? A G 13 N1 ? ? ? 1_555 A U 10 O2 ? ? A G 13 A U 10 7_375 ? ? ? ? ? ? TYPE_28_PAIR  ? ? ? 
hydrog31 hydrog ? ? A G 13 O6 ? ? ? 1_555 A U 10 N3 ? ? A G 13 A U 10 7_375 ? ? ? ? ? ? TYPE_28_PAIR  ? ? ? 
hydrog32 hydrog ? ? A G 14 N1 ? ? ? 1_555 A C 9  N3 ? ? A G 14 A C 9  7_375 ? ? ? ? ? ? WATSON-CRICK  ? ? ? 
hydrog33 hydrog ? ? A G 14 N2 ? ? ? 1_555 A C 9  O2 ? ? A G 14 A C 9  7_375 ? ? ? ? ? ? WATSON-CRICK  ? ? ? 
hydrog34 hydrog ? ? A G 14 O6 ? ? ? 1_555 A C 9  N4 ? ? A G 14 A C 9  7_375 ? ? ? ? ? ? WATSON-CRICK  ? ? ? 
hydrog35 hydrog ? ? A U 15 N3 ? ? ? 1_555 A A 8  N1 ? ? A U 15 A A 8  7_375 ? ? ? ? ? ? WATSON-CRICK  ? ? ? 
hydrog36 hydrog ? ? A U 15 O4 ? ? ? 1_555 A A 8  N6 ? ? A U 15 A A 8  7_375 ? ? ? ? ? ? WATSON-CRICK  ? ? ? 
hydrog37 hydrog ? ? A G 16 N1 ? ? ? 1_555 A C 7  N3 ? ? A G 16 A C 7  7_375 ? ? ? ? ? ? WATSON-CRICK  ? ? ? 
hydrog38 hydrog ? ? A G 16 N2 ? ? ? 1_555 A C 7  O2 ? ? A G 16 A C 7  7_375 ? ? ? ? ? ? WATSON-CRICK  ? ? ? 
hydrog39 hydrog ? ? A G 16 O6 ? ? ? 1_555 A C 7  N4 ? ? A G 16 A C 7  7_375 ? ? ? ? ? ? WATSON-CRICK  ? ? ? 
hydrog40 hydrog ? ? A C 17 N3 ? ? ? 1_555 A G 6  N1 ? ? A C 17 A G 6  7_375 ? ? ? ? ? ? WATSON-CRICK  ? ? ? 
hydrog41 hydrog ? ? A C 17 N4 ? ? ? 1_555 A G 6  O6 ? ? A C 17 A G 6  7_375 ? ? ? ? ? ? WATSON-CRICK  ? ? ? 
hydrog42 hydrog ? ? A C 17 O2 ? ? ? 1_555 A G 6  N2 ? ? A C 17 A G 6  7_375 ? ? ? ? ? ? WATSON-CRICK  ? ? ? 
hydrog43 hydrog ? ? A U 18 N3 ? ? ? 1_555 A U 5  O2 ? ? A U 18 A U 5  7_375 ? ? ? ? ? ? TYPE_16_PAIR  ? ? ? 
hydrog44 hydrog ? ? A U 18 O4 ? ? ? 1_555 A U 5  N3 ? ? A U 18 A U 5  7_375 ? ? ? ? ? ? TYPE_16_PAIR  ? ? ? 
hydrog45 hydrog ? ? A G 19 N1 ? ? ? 1_555 A C 4  N3 ? ? A G 19 A C 4  7_375 ? ? ? ? ? ? WATSON-CRICK  ? ? ? 
hydrog46 hydrog ? ? A G 19 N2 ? ? ? 1_555 A C 4  O2 ? ? A G 19 A C 4  7_375 ? ? ? ? ? ? WATSON-CRICK  ? ? ? 
hydrog47 hydrog ? ? A G 19 O6 ? ? ? 1_555 A C 4  N4 ? ? A G 19 A C 4  7_375 ? ? ? ? ? ? WATSON-CRICK  ? ? ? 
hydrog48 hydrog ? ? A C 20 N3 ? ? ? 1_555 A G 3  N1 ? ? A C 20 A G 3  7_375 ? ? ? ? ? ? WATSON-CRICK  ? ? ? 
hydrog49 hydrog ? ? A C 20 N4 ? ? ? 1_555 A G 3  O6 ? ? A C 20 A G 3  7_375 ? ? ? ? ? ? WATSON-CRICK  ? ? ? 
hydrog50 hydrog ? ? A C 20 O2 ? ? ? 1_555 A G 3  N2 ? ? A C 20 A G 3  7_375 ? ? ? ? ? ? WATSON-CRICK  ? ? ? 
hydrog51 hydrog ? ? A C 21 N3 ? ? ? 1_555 A G 2  N1 ? ? A C 21 A G 2  7_375 ? ? ? ? ? ? WATSON-CRICK  ? ? ? 
hydrog52 hydrog ? ? A C 21 N4 ? ? ? 1_555 A G 2  O6 ? ? A C 21 A G 2  7_375 ? ? ? ? ? ? WATSON-CRICK  ? ? ? 
hydrog53 hydrog ? ? A C 21 O2 ? ? ? 1_555 A G 2  N2 ? ? A C 21 A G 2  7_375 ? ? ? ? ? ? WATSON-CRICK  ? ? ? 
hydrog54 hydrog ? ? A C 22 N3 ? ? ? 1_555 A G 1  N1 ? ? A C 22 A G 1  7_375 ? ? ? ? ? ? WATSON-CRICK  ? ? ? 
hydrog55 hydrog ? ? A C 22 N4 ? ? ? 1_555 A G 1  O6 ? ? A C 22 A G 1  7_375 ? ? ? ? ? ? WATSON-CRICK  ? ? ? 
hydrog56 hydrog ? ? A C 22 O2 ? ? ? 1_555 A G 1  N2 ? ? A C 22 A G 1  7_375 ? ? ? ? ? ? WATSON-CRICK  ? ? ? 
# 
_struct_conn_type.id          hydrog 
_struct_conn_type.criteria    ? 
_struct_conn_type.reference   ? 
# 
_pdbx_validate_rmsd_bond.id                        1 
_pdbx_validate_rmsd_bond.PDB_model_num             1 
_pdbx_validate_rmsd_bond.auth_atom_id_1            C2 
_pdbx_validate_rmsd_bond.auth_asym_id_1            A 
_pdbx_validate_rmsd_bond.auth_comp_id_1            U 
_pdbx_validate_rmsd_bond.auth_seq_id_1             10 
_pdbx_validate_rmsd_bond.PDB_ins_code_1            ? 
_pdbx_validate_rmsd_bond.label_alt_id_1            ? 
_pdbx_validate_rmsd_bond.auth_atom_id_2            N3 
_pdbx_validate_rmsd_bond.auth_asym_id_2            A 
_pdbx_validate_rmsd_bond.auth_comp_id_2            U 
_pdbx_validate_rmsd_bond.auth_seq_id_2             10 
_pdbx_validate_rmsd_bond.PDB_ins_code_2            ? 
_pdbx_validate_rmsd_bond.label_alt_id_2            ? 
_pdbx_validate_rmsd_bond.bond_value                1.329 
_pdbx_validate_rmsd_bond.bond_target_value         1.373 
_pdbx_validate_rmsd_bond.bond_deviation            -0.044 
_pdbx_validate_rmsd_bond.bond_standard_deviation   0.007 
_pdbx_validate_rmsd_bond.linker_flag               N 
# 
loop_
_pdbx_validate_rmsd_angle.id 
_pdbx_validate_rmsd_angle.PDB_model_num 
_pdbx_validate_rmsd_angle.auth_atom_id_1 
_pdbx_validate_rmsd_angle.auth_asym_id_1 
_pdbx_validate_rmsd_angle.auth_comp_id_1 
_pdbx_validate_rmsd_angle.auth_seq_id_1 
_pdbx_validate_rmsd_angle.PDB_ins_code_1 
_pdbx_validate_rmsd_angle.label_alt_id_1 
_pdbx_validate_rmsd_angle.auth_atom_id_2 
_pdbx_validate_rmsd_angle.auth_asym_id_2 
_pdbx_validate_rmsd_angle.auth_comp_id_2 
_pdbx_validate_rmsd_angle.auth_seq_id_2 
_pdbx_validate_rmsd_angle.PDB_ins_code_2 
_pdbx_validate_rmsd_angle.label_alt_id_2 
_pdbx_validate_rmsd_angle.auth_atom_id_3 
_pdbx_validate_rmsd_angle.auth_asym_id_3 
_pdbx_validate_rmsd_angle.auth_comp_id_3 
_pdbx_validate_rmsd_angle.auth_seq_id_3 
_pdbx_validate_rmsd_angle.PDB_ins_code_3 
_pdbx_validate_rmsd_angle.label_alt_id_3 
_pdbx_validate_rmsd_angle.angle_value 
_pdbx_validate_rmsd_angle.angle_target_value 
_pdbx_validate_rmsd_angle.angle_deviation 
_pdbx_validate_rmsd_angle.angle_standard_deviation 
_pdbx_validate_rmsd_angle.linker_flag 
1 1 "O4'" A U 11 ? ? "C1'" A U 11 ? ? N1  A U 11 ? ? 113.12 108.50 4.62  0.70 N 
2 1 "O5'" A G 14 ? ? P     A G 14 ? ? OP1 A G 14 ? ? 98.49  105.70 -7.21 0.90 N 
3 1 C5    A G 14 ? ? N7    A G 14 ? ? C8  A G 14 ? ? 101.10 104.30 -3.20 0.50 N 
4 1 N7    A G 14 ? ? C8    A G 14 ? ? N9  A G 14 ? ? 116.53 113.10 3.43  0.50 N 
5 1 C2    A C 21 ? ? N3    A C 21 ? ? C4  A C 21 ? ? 116.56 119.90 -3.34 0.50 N 
6 1 N3    A C 21 ? ? C4    A C 21 ? ? C5  A C 21 ? ? 124.53 121.90 2.63  0.40 N 
# 
loop_
_chem_comp_atom.comp_id 
_chem_comp_atom.atom_id 
_chem_comp_atom.type_symbol 
_chem_comp_atom.pdbx_aromatic_flag 
_chem_comp_atom.pdbx_stereo_config 
_chem_comp_atom.pdbx_ordinal 
A   OP3    O N N 1   
A   P      P N N 2   
A   OP1    O N N 3   
A   OP2    O N N 4   
A   "O5'"  O N N 5   
A   "C5'"  C N N 6   
A   "C4'"  C N R 7   
A   "O4'"  O N N 8   
A   "C3'"  C N S 9   
A   "O3'"  O N N 10  
A   "C2'"  C N R 11  
A   "O2'"  O N N 12  
A   "C1'"  C N R 13  
A   N9     N Y N 14  
A   C8     C Y N 15  
A   N7     N Y N 16  
A   C5     C Y N 17  
A   C6     C Y N 18  
A   N6     N N N 19  
A   N1     N Y N 20  
A   C2     C Y N 21  
A   N3     N Y N 22  
A   C4     C Y N 23  
A   HOP3   H N N 24  
A   HOP2   H N N 25  
A   "H5'"  H N N 26  
A   "H5''" H N N 27  
A   "H4'"  H N N 28  
A   "H3'"  H N N 29  
A   "HO3'" H N N 30  
A   "H2'"  H N N 31  
A   "HO2'" H N N 32  
A   "H1'"  H N N 33  
A   H8     H N N 34  
A   H61    H N N 35  
A   H62    H N N 36  
A   H2     H N N 37  
C   OP3    O N N 38  
C   P      P N N 39  
C   OP1    O N N 40  
C   OP2    O N N 41  
C   "O5'"  O N N 42  
C   "C5'"  C N N 43  
C   "C4'"  C N R 44  
C   "O4'"  O N N 45  
C   "C3'"  C N S 46  
C   "O3'"  O N N 47  
C   "C2'"  C N R 48  
C   "O2'"  O N N 49  
C   "C1'"  C N R 50  
C   N1     N N N 51  
C   C2     C N N 52  
C   O2     O N N 53  
C   N3     N N N 54  
C   C4     C N N 55  
C   N4     N N N 56  
C   C5     C N N 57  
C   C6     C N N 58  
C   HOP3   H N N 59  
C   HOP2   H N N 60  
C   "H5'"  H N N 61  
C   "H5''" H N N 62  
C   "H4'"  H N N 63  
C   "H3'"  H N N 64  
C   "HO3'" H N N 65  
C   "H2'"  H N N 66  
C   "HO2'" H N N 67  
C   "H1'"  H N N 68  
C   H41    H N N 69  
C   H42    H N N 70  
C   H5     H N N 71  
C   H6     H N N 72  
G   OP3    O N N 73  
G   P      P N N 74  
G   OP1    O N N 75  
G   OP2    O N N 76  
G   "O5'"  O N N 77  
G   "C5'"  C N N 78  
G   "C4'"  C N R 79  
G   "O4'"  O N N 80  
G   "C3'"  C N S 81  
G   "O3'"  O N N 82  
G   "C2'"  C N R 83  
G   "O2'"  O N N 84  
G   "C1'"  C N R 85  
G   N9     N Y N 86  
G   C8     C Y N 87  
G   N7     N Y N 88  
G   C5     C Y N 89  
G   C6     C N N 90  
G   O6     O N N 91  
G   N1     N N N 92  
G   C2     C N N 93  
G   N2     N N N 94  
G   N3     N N N 95  
G   C4     C Y N 96  
G   HOP3   H N N 97  
G   HOP2   H N N 98  
G   "H5'"  H N N 99  
G   "H5''" H N N 100 
G   "H4'"  H N N 101 
G   "H3'"  H N N 102 
G   "HO3'" H N N 103 
G   "H2'"  H N N 104 
G   "HO2'" H N N 105 
G   "H1'"  H N N 106 
G   H8     H N N 107 
G   H1     H N N 108 
G   H21    H N N 109 
G   H22    H N N 110 
HOH O      O N N 111 
HOH H1     H N N 112 
HOH H2     H N N 113 
U   OP3    O N N 114 
U   P      P N N 115 
U   OP1    O N N 116 
U   OP2    O N N 117 
U   "O5'"  O N N 118 
U   "C5'"  C N N 119 
U   "C4'"  C N R 120 
U   "O4'"  O N N 121 
U   "C3'"  C N S 122 
U   "O3'"  O N N 123 
U   "C2'"  C N R 124 
U   "O2'"  O N N 125 
U   "C1'"  C N R 126 
U   N1     N N N 127 
U   C2     C N N 128 
U   O2     O N N 129 
U   N3     N N N 130 
U   C4     C N N 131 
U   O4     O N N 132 
U   C5     C N N 133 
U   C6     C N N 134 
U   HOP3   H N N 135 
U   HOP2   H N N 136 
U   "H5'"  H N N 137 
U   "H5''" H N N 138 
U   "H4'"  H N N 139 
U   "H3'"  H N N 140 
U   "HO3'" H N N 141 
U   "H2'"  H N N 142 
U   "HO2'" H N N 143 
U   "H1'"  H N N 144 
U   H3     H N N 145 
U   H5     H N N 146 
U   H6     H N N 147 
# 
loop_
_chem_comp_bond.comp_id 
_chem_comp_bond.atom_id_1 
_chem_comp_bond.atom_id_2 
_chem_comp_bond.value_order 
_chem_comp_bond.pdbx_aromatic_flag 
_chem_comp_bond.pdbx_stereo_config 
_chem_comp_bond.pdbx_ordinal 
A   OP3   P      sing N N 1   
A   OP3   HOP3   sing N N 2   
A   P     OP1    doub N N 3   
A   P     OP2    sing N N 4   
A   P     "O5'"  sing N N 5   
A   OP2   HOP2   sing N N 6   
A   "O5'" "C5'"  sing N N 7   
A   "C5'" "C4'"  sing N N 8   
A   "C5'" "H5'"  sing N N 9   
A   "C5'" "H5''" sing N N 10  
A   "C4'" "O4'"  sing N N 11  
A   "C4'" "C3'"  sing N N 12  
A   "C4'" "H4'"  sing N N 13  
A   "O4'" "C1'"  sing N N 14  
A   "C3'" "O3'"  sing N N 15  
A   "C3'" "C2'"  sing N N 16  
A   "C3'" "H3'"  sing N N 17  
A   "O3'" "HO3'" sing N N 18  
A   "C2'" "O2'"  sing N N 19  
A   "C2'" "C1'"  sing N N 20  
A   "C2'" "H2'"  sing N N 21  
A   "O2'" "HO2'" sing N N 22  
A   "C1'" N9     sing N N 23  
A   "C1'" "H1'"  sing N N 24  
A   N9    C8     sing Y N 25  
A   N9    C4     sing Y N 26  
A   C8    N7     doub Y N 27  
A   C8    H8     sing N N 28  
A   N7    C5     sing Y N 29  
A   C5    C6     sing Y N 30  
A   C5    C4     doub Y N 31  
A   C6    N6     sing N N 32  
A   C6    N1     doub Y N 33  
A   N6    H61    sing N N 34  
A   N6    H62    sing N N 35  
A   N1    C2     sing Y N 36  
A   C2    N3     doub Y N 37  
A   C2    H2     sing N N 38  
A   N3    C4     sing Y N 39  
C   OP3   P      sing N N 40  
C   OP3   HOP3   sing N N 41  
C   P     OP1    doub N N 42  
C   P     OP2    sing N N 43  
C   P     "O5'"  sing N N 44  
C   OP2   HOP2   sing N N 45  
C   "O5'" "C5'"  sing N N 46  
C   "C5'" "C4'"  sing N N 47  
C   "C5'" "H5'"  sing N N 48  
C   "C5'" "H5''" sing N N 49  
C   "C4'" "O4'"  sing N N 50  
C   "C4'" "C3'"  sing N N 51  
C   "C4'" "H4'"  sing N N 52  
C   "O4'" "C1'"  sing N N 53  
C   "C3'" "O3'"  sing N N 54  
C   "C3'" "C2'"  sing N N 55  
C   "C3'" "H3'"  sing N N 56  
C   "O3'" "HO3'" sing N N 57  
C   "C2'" "O2'"  sing N N 58  
C   "C2'" "C1'"  sing N N 59  
C   "C2'" "H2'"  sing N N 60  
C   "O2'" "HO2'" sing N N 61  
C   "C1'" N1     sing N N 62  
C   "C1'" "H1'"  sing N N 63  
C   N1    C2     sing N N 64  
C   N1    C6     sing N N 65  
C   C2    O2     doub N N 66  
C   C2    N3     sing N N 67  
C   N3    C4     doub N N 68  
C   C4    N4     sing N N 69  
C   C4    C5     sing N N 70  
C   N4    H41    sing N N 71  
C   N4    H42    sing N N 72  
C   C5    C6     doub N N 73  
C   C5    H5     sing N N 74  
C   C6    H6     sing N N 75  
G   OP3   P      sing N N 76  
G   OP3   HOP3   sing N N 77  
G   P     OP1    doub N N 78  
G   P     OP2    sing N N 79  
G   P     "O5'"  sing N N 80  
G   OP2   HOP2   sing N N 81  
G   "O5'" "C5'"  sing N N 82  
G   "C5'" "C4'"  sing N N 83  
G   "C5'" "H5'"  sing N N 84  
G   "C5'" "H5''" sing N N 85  
G   "C4'" "O4'"  sing N N 86  
G   "C4'" "C3'"  sing N N 87  
G   "C4'" "H4'"  sing N N 88  
G   "O4'" "C1'"  sing N N 89  
G   "C3'" "O3'"  sing N N 90  
G   "C3'" "C2'"  sing N N 91  
G   "C3'" "H3'"  sing N N 92  
G   "O3'" "HO3'" sing N N 93  
G   "C2'" "O2'"  sing N N 94  
G   "C2'" "C1'"  sing N N 95  
G   "C2'" "H2'"  sing N N 96  
G   "O2'" "HO2'" sing N N 97  
G   "C1'" N9     sing N N 98  
G   "C1'" "H1'"  sing N N 99  
G   N9    C8     sing Y N 100 
G   N9    C4     sing Y N 101 
G   C8    N7     doub Y N 102 
G   C8    H8     sing N N 103 
G   N7    C5     sing Y N 104 
G   C5    C6     sing N N 105 
G   C5    C4     doub Y N 106 
G   C6    O6     doub N N 107 
G   C6    N1     sing N N 108 
G   N1    C2     sing N N 109 
G   N1    H1     sing N N 110 
G   C2    N2     sing N N 111 
G   C2    N3     doub N N 112 
G   N2    H21    sing N N 113 
G   N2    H22    sing N N 114 
G   N3    C4     sing N N 115 
HOH O     H1     sing N N 116 
HOH O     H2     sing N N 117 
U   OP3   P      sing N N 118 
U   OP3   HOP3   sing N N 119 
U   P     OP1    doub N N 120 
U   P     OP2    sing N N 121 
U   P     "O5'"  sing N N 122 
U   OP2   HOP2   sing N N 123 
U   "O5'" "C5'"  sing N N 124 
U   "C5'" "C4'"  sing N N 125 
U   "C5'" "H5'"  sing N N 126 
U   "C5'" "H5''" sing N N 127 
U   "C4'" "O4'"  sing N N 128 
U   "C4'" "C3'"  sing N N 129 
U   "C4'" "H4'"  sing N N 130 
U   "O4'" "C1'"  sing N N 131 
U   "C3'" "O3'"  sing N N 132 
U   "C3'" "C2'"  sing N N 133 
U   "C3'" "H3'"  sing N N 134 
U   "O3'" "HO3'" sing N N 135 
U   "C2'" "O2'"  sing N N 136 
U   "C2'" "C1'"  sing N N 137 
U   "C2'" "H2'"  sing N N 138 
U   "O2'" "HO2'" sing N N 139 
U   "C1'" N1     sing N N 140 
U   "C1'" "H1'"  sing N N 141 
U   N1    C2     sing N N 142 
U   N1    C6     sing N N 143 
U   C2    O2     doub N N 144 
U   C2    N3     sing N N 145 
U   N3    C4     sing N N 146 
U   N3    H3     sing N N 147 
U   C4    O4     doub N N 148 
U   C4    C5     sing N N 149 
U   C5    C6     doub N N 150 
U   C5    H5     sing N N 151 
U   C6    H6     sing N N 152 
# 
loop_
_ndb_struct_conf_na.entry_id 
_ndb_struct_conf_na.feature 
6E7L 'double helix'         
6E7L 'a-form double helix'  
6E7L 'mismatched base pair' 
# 
loop_
_ndb_struct_na_base_pair.model_number 
_ndb_struct_na_base_pair.i_label_asym_id 
_ndb_struct_na_base_pair.i_label_comp_id 
_ndb_struct_na_base_pair.i_label_seq_id 
_ndb_struct_na_base_pair.i_symmetry 
_ndb_struct_na_base_pair.j_label_asym_id 
_ndb_struct_na_base_pair.j_label_comp_id 
_ndb_struct_na_base_pair.j_label_seq_id 
_ndb_struct_na_base_pair.j_symmetry 
_ndb_struct_na_base_pair.shear 
_ndb_struct_na_base_pair.stretch 
_ndb_struct_na_base_pair.stagger 
_ndb_struct_na_base_pair.buckle 
_ndb_struct_na_base_pair.propeller 
_ndb_struct_na_base_pair.opening 
_ndb_struct_na_base_pair.pair_number 
_ndb_struct_na_base_pair.pair_name 
_ndb_struct_na_base_pair.i_auth_asym_id 
_ndb_struct_na_base_pair.i_auth_seq_id 
_ndb_struct_na_base_pair.i_PDB_ins_code 
_ndb_struct_na_base_pair.j_auth_asym_id 
_ndb_struct_na_base_pair.j_auth_seq_id 
_ndb_struct_na_base_pair.j_PDB_ins_code 
_ndb_struct_na_base_pair.hbond_type_28 
_ndb_struct_na_base_pair.hbond_type_12 
1 A G 1  1_555 A C 22 7_375 0.176  -0.130 -0.178 -6.044  -11.851 -1.134  1  A_G1:C22_A  A 1  ? A 22 ? 19 1 
1 A G 2  1_555 A C 21 7_375 -0.053 -0.115 -0.138 -7.715  -9.823  3.669   2  A_G2:C21_A  A 2  ? A 21 ? 19 1 
1 A G 3  1_555 A C 20 7_375 -0.385 0.091  -0.170 -7.786  -7.732  -2.124  3  A_G3:C20_A  A 3  ? A 20 ? 19 1 
1 A C 4  1_555 A G 19 7_375 0.081  -0.026 0.100  -1.642  -8.522  2.866   4  A_C4:G19_A  A 4  ? A 19 ? 19 1 
1 A U 5  1_555 A U 18 7_375 1.911  -1.507 0.367  -1.982  -12.786 5.706   5  A_U5:U18_A  A 5  ? A 18 ? 16 1 
1 A G 6  1_555 A C 17 7_375 -0.439 -0.329 -0.012 1.232   -8.627  1.100   6  A_G6:C17_A  A 6  ? A 17 ? 19 1 
1 A C 7  1_555 A G 16 7_375 0.886  -0.586 0.013  3.101   -10.427 -0.601  7  A_C7:G16_A  A 7  ? A 16 ? 19 1 
1 A A 8  1_555 A U 15 7_375 -0.070 -0.163 0.304  4.959   -6.863  4.368   8  A_A8:U15_A  A 8  ? A 15 ? 20 1 
1 A C 9  1_555 A G 14 7_375 0.238  -0.149 0.109  2.209   -3.194  -0.581  9  A_C9:G14_A  A 9  ? A 14 ? 19 1 
1 A U 10 1_555 A G 13 7_375 2.471  -0.550 -0.079 8.368   -3.860  -2.958  10 A_U10:G13_A A 10 ? A 13 ? 28 1 
1 A U 11 1_555 A C 12 7_375 6.624  -4.742 -0.010 21.607  1.279   -38.974 11 A_U11:C12_A A 11 ? A 12 ? ?  4 
1 A C 12 1_555 A U 11 7_375 -6.624 -4.742 -0.010 -21.607 1.279   -38.974 12 A_C12:U11_A A 12 ? A 11 ? ?  4 
1 A G 13 1_555 A U 10 7_375 -2.471 -0.550 -0.079 -8.368  -3.860  -2.958  13 A_G13:U10_A A 13 ? A 10 ? 28 1 
1 A G 14 1_555 A C 9  7_375 -0.238 -0.149 0.109  -2.209  -3.194  -0.581  14 A_G14:C9_A  A 14 ? A 9  ? 19 1 
1 A U 15 1_555 A A 8  7_375 0.070  -0.163 0.304  -4.959  -6.863  4.368   15 A_U15:A8_A  A 15 ? A 8  ? 20 1 
1 A G 16 1_555 A C 7  7_375 -0.886 -0.586 0.013  -3.101  -10.427 -0.601  16 A_G16:C7_A  A 16 ? A 7  ? 19 1 
1 A C 17 1_555 A G 6  7_375 0.439  -0.329 -0.012 -1.232  -8.627  1.100   17 A_C17:G6_A  A 17 ? A 6  ? 19 1 
1 A U 18 1_555 A U 5  7_375 -1.911 -1.507 0.367  1.982   -12.786 5.706   18 A_U18:U5_A  A 18 ? A 5  ? 16 1 
1 A G 19 1_555 A C 4  7_375 -0.081 -0.026 0.100  1.642   -8.522  2.866   19 A_G19:C4_A  A 19 ? A 4  ? 19 1 
1 A C 20 1_555 A G 3  7_375 0.385  0.091  -0.170 7.786   -7.732  -2.124  20 A_C20:G3_A  A 20 ? A 3  ? 19 1 
1 A C 21 1_555 A G 2  7_375 0.053  -0.115 -0.138 7.715   -9.823  3.669   21 A_C21:G2_A  A 21 ? A 2  ? 19 1 
1 A C 22 1_555 A G 1  7_375 -0.176 -0.130 -0.178 6.044   -11.851 -1.134  22 A_C22:G1_A  A 22 ? A 1  ? 19 1 
# 
loop_
_ndb_struct_na_base_pair_step.model_number 
_ndb_struct_na_base_pair_step.i_label_asym_id_1 
_ndb_struct_na_base_pair_step.i_label_comp_id_1 
_ndb_struct_na_base_pair_step.i_label_seq_id_1 
_ndb_struct_na_base_pair_step.i_symmetry_1 
_ndb_struct_na_base_pair_step.j_label_asym_id_1 
_ndb_struct_na_base_pair_step.j_label_comp_id_1 
_ndb_struct_na_base_pair_step.j_label_seq_id_1 
_ndb_struct_na_base_pair_step.j_symmetry_1 
_ndb_struct_na_base_pair_step.i_label_asym_id_2 
_ndb_struct_na_base_pair_step.i_label_comp_id_2 
_ndb_struct_na_base_pair_step.i_label_seq_id_2 
_ndb_struct_na_base_pair_step.i_symmetry_2 
_ndb_struct_na_base_pair_step.j_label_asym_id_2 
_ndb_struct_na_base_pair_step.j_label_comp_id_2 
_ndb_struct_na_base_pair_step.j_label_seq_id_2 
_ndb_struct_na_base_pair_step.j_symmetry_2 
_ndb_struct_na_base_pair_step.shift 
_ndb_struct_na_base_pair_step.slide 
_ndb_struct_na_base_pair_step.rise 
_ndb_struct_na_base_pair_step.tilt 
_ndb_struct_na_base_pair_step.roll 
_ndb_struct_na_base_pair_step.twist 
_ndb_struct_na_base_pair_step.x_displacement 
_ndb_struct_na_base_pair_step.y_displacement 
_ndb_struct_na_base_pair_step.helical_rise 
_ndb_struct_na_base_pair_step.inclination 
_ndb_struct_na_base_pair_step.tip 
_ndb_struct_na_base_pair_step.helical_twist 
_ndb_struct_na_base_pair_step.step_number 
_ndb_struct_na_base_pair_step.step_name 
_ndb_struct_na_base_pair_step.i_auth_asym_id_1 
_ndb_struct_na_base_pair_step.i_auth_seq_id_1 
_ndb_struct_na_base_pair_step.i_PDB_ins_code_1 
_ndb_struct_na_base_pair_step.j_auth_asym_id_1 
_ndb_struct_na_base_pair_step.j_auth_seq_id_1 
_ndb_struct_na_base_pair_step.j_PDB_ins_code_1 
_ndb_struct_na_base_pair_step.i_auth_asym_id_2 
_ndb_struct_na_base_pair_step.i_auth_seq_id_2 
_ndb_struct_na_base_pair_step.i_PDB_ins_code_2 
_ndb_struct_na_base_pair_step.j_auth_asym_id_2 
_ndb_struct_na_base_pair_step.j_auth_seq_id_2 
_ndb_struct_na_base_pair_step.j_PDB_ins_code_2 
1 A G 1  1_555 A C 22 7_375 A G 2  1_555 A C 21 7_375 0.313  -1.532 3.227 -1.194 7.255  33.308 -3.693  -0.711 2.828 12.469 2.052   
34.088 1  AA_G1G2:C21C22_AA   A 1  ? A 22 ? A 2  ? A 21 ? 
1 A G 2  1_555 A C 21 7_375 A G 3  1_555 A C 20 7_375 -0.543 -2.101 3.190 -0.976 11.482 28.579 -5.888  0.860  2.217 22.155 1.884   
30.770 2  AA_G2G3:C20C21_AA   A 2  ? A 21 ? A 3  ? A 20 ? 
1 A G 3  1_555 A C 20 7_375 A C 4  1_555 A G 19 7_375 0.218  -1.108 3.150 -1.807 10.871 31.960 -3.510  -0.641 2.628 19.050 3.166   
33.759 3  AA_G3C4:G19C20_AA   A 3  ? A 20 ? A 4  ? A 19 ? 
1 A C 4  1_555 A G 19 7_375 A U 5  1_555 A U 18 7_375 0.588  -0.955 3.249 0.628  7.702  41.997 -2.063  -0.747 3.044 10.638 -0.868  
42.670 4  AA_C4U5:U18G19_AA   A 4  ? A 19 ? A 5  ? A 18 ? 
1 A U 5  1_555 A U 18 7_375 A G 6  1_555 A C 17 7_375 0.102  -1.433 2.922 5.272  13.864 26.394 -4.987  0.654  1.931 27.751 -10.553 
30.212 5  AA_U5G6:C17U18_AA   A 5  ? A 18 ? A 6  ? A 17 ? 
1 A G 6  1_555 A C 17 7_375 A C 7  1_555 A G 16 7_375 -0.484 -0.982 3.242 -0.975 3.585  41.016 -1.776  0.584  3.159 5.103  1.389   
41.177 6  AA_G6C7:G16C17_AA   A 6  ? A 17 ? A 7  ? A 16 ? 
1 A C 7  1_555 A G 16 7_375 A A 8  1_555 A U 15 7_375 -0.361 -1.695 3.005 -4.897 12.569 27.026 -5.359  -0.125 2.063 25.013 9.746   
30.149 7  AA_C7A8:U15G16_AA   A 7  ? A 16 ? A 8  ? A 15 ? 
1 A A 8  1_555 A U 15 7_375 A C 9  1_555 A G 14 7_375 -0.472 -1.699 3.324 0.100  9.936  32.381 -4.429  0.826  2.698 17.315 -0.174  
33.832 8  AA_A8C9:G14U15_AA   A 8  ? A 15 ? A 9  ? A 14 ? 
1 A C 9  1_555 A G 14 7_375 A U 10 1_555 A G 13 7_375 0.228  -1.548 3.130 2.008  4.780  40.439 -2.714  -0.120 2.944 6.881  -2.891  
40.756 9  AA_C9U10:G13G14_AA  A 9  ? A 14 ? A 10 ? A 13 ? 
1 A U 10 1_555 A G 13 7_375 A U 11 1_555 A C 12 7_375 -2.654 -1.573 3.145 4.701  6.477  45.587 -2.494  3.735  2.638 8.283  -6.012  
46.247 10 AA_U10U11:C12G13_AA A 10 ? A 13 ? A 11 ? A 12 ? 
1 A U 11 1_555 A C 12 7_375 A C 12 1_555 A U 11 7_375 0.000  -0.080 4.307 0.000  1.010  3.135  -24.302 0.000  4.075 17.868 0.000   
3.294  11 AA_U11C12:U11C12_AA A 11 ? A 12 ? A 12 ? A 11 ? 
1 A C 12 1_555 A U 11 7_375 A G 13 1_555 A U 10 7_375 2.654  -1.573 3.145 -4.701 6.477  45.587 -2.494  -3.735 2.638 8.283  6.012   
46.247 12 AA_C12G13:U10U11_AA A 12 ? A 11 ? A 13 ? A 10 ? 
1 A G 13 1_555 A U 10 7_375 A G 14 1_555 A C 9  7_375 -0.228 -1.548 3.130 -2.008 4.780  40.439 -2.714  0.120  2.944 6.881  2.891   
40.756 13 AA_G13G14:C9U10_AA  A 13 ? A 10 ? A 14 ? A 9  ? 
1 A G 14 1_555 A C 9  7_375 A U 15 1_555 A A 8  7_375 0.472  -1.699 3.324 -0.100 9.936  32.381 -4.429  -0.826 2.698 17.315 0.174   
33.832 14 AA_G14U15:A8C9_AA   A 14 ? A 9  ? A 15 ? A 8  ? 
1 A U 15 1_555 A A 8  7_375 A G 16 1_555 A C 7  7_375 0.361  -1.695 3.005 4.897  12.569 27.026 -5.359  0.125  2.063 25.013 -9.746  
30.149 15 AA_U15G16:C7A8_AA   A 15 ? A 8  ? A 16 ? A 7  ? 
1 A G 16 1_555 A C 7  7_375 A C 17 1_555 A G 6  7_375 0.484  -0.982 3.242 0.975  3.585  41.016 -1.776  -0.584 3.159 5.103  -1.389  
41.177 16 AA_G16C17:G6C7_AA   A 16 ? A 7  ? A 17 ? A 6  ? 
1 A C 17 1_555 A G 6  7_375 A U 18 1_555 A U 5  7_375 -0.102 -1.433 2.922 -5.272 13.864 26.394 -4.987  -0.654 1.931 27.751 10.553  
30.212 17 AA_C17U18:U5G6_AA   A 17 ? A 6  ? A 18 ? A 5  ? 
1 A U 18 1_555 A U 5  7_375 A G 19 1_555 A C 4  7_375 -0.588 -0.955 3.249 -0.628 7.702  41.997 -2.063  0.747  3.044 10.638 0.868   
42.670 18 AA_U18G19:C4U5_AA   A 18 ? A 5  ? A 19 ? A 4  ? 
1 A G 19 1_555 A C 4  7_375 A C 20 1_555 A G 3  7_375 -0.218 -1.108 3.150 1.807  10.871 31.960 -3.510  0.641  2.628 19.050 -3.166  
33.759 19 AA_G19C20:G3C4_AA   A 19 ? A 4  ? A 20 ? A 3  ? 
1 A C 20 1_555 A G 3  7_375 A C 21 1_555 A G 2  7_375 0.543  -2.101 3.190 0.976  11.482 28.579 -5.888  -0.860 2.217 22.155 -1.884  
30.770 20 AA_C20C21:G2G3_AA   A 20 ? A 3  ? A 21 ? A 2  ? 
1 A C 21 1_555 A G 2  7_375 A C 22 1_555 A G 1  7_375 -0.313 -1.532 3.227 1.194  7.255  33.308 -3.693  0.711  2.828 12.469 -2.052  
34.088 21 AA_C21C22:G1G2_AA   A 21 ? A 2  ? A 22 ? A 1  ? 
# 
loop_
_pdbx_audit_support.funding_organization 
_pdbx_audit_support.country 
_pdbx_audit_support.grant_number 
_pdbx_audit_support.ordinal 
'National Institutes of Health/National Institute of General Medical Sciences (NIH/NIGMS)'                        'United States' 
'R35 GM118131' 1 
'National Institutes of Health/National Institute of Arthritis and Musculoskeletal and Skin Diseases (NIH/NIAMS)' 'United States' 
'R01 AR069645' 2 
'National Institutes of Health/National Institute of General Medical Sciences (NIH/NIGMS)'                        'United States' 
'P41 GM103403' 3 
# 
_pdbx_initial_refinement_model.accession_code   ? 
_pdbx_initial_refinement_model.id               1 
_pdbx_initial_refinement_model.entity_id_list   ? 
_pdbx_initial_refinement_model.type             'in silico model' 
_pdbx_initial_refinement_model.source_name      Other 
_pdbx_initial_refinement_model.details          'ideal A-form RNA, single stranded' 
# 
_atom_sites.entry_id                    6E7L 
_atom_sites.fract_transf_matrix[1][1]   -0.02033920 
_atom_sites.fract_transf_matrix[1][2]   0.01166954 
_atom_sites.fract_transf_matrix[1][3]   -0.00398906 
_atom_sites.fract_transf_matrix[2][1]   -0.00775269 
_atom_sites.fract_transf_matrix[2][2]   -0.00611520 
_atom_sites.fract_transf_matrix[2][3]   0.02163964 
_atom_sites.fract_transf_matrix[3][1]   0.00517894 
_atom_sites.fract_transf_matrix[3][2]   0.01069381 
_atom_sites.fract_transf_matrix[3][3]   0.00487742 
_atom_sites.fract_transf_vector[1]      -0.962562 
_atom_sites.fract_transf_vector[2]      1.089094 
_atom_sites.fract_transf_vector[3]      0.000549 
# 
loop_
_atom_type.symbol 
C 
N 
O 
P 
# 
loop_
_atom_site.group_PDB 
_atom_site.id 
_atom_site.type_symbol 
_atom_site.label_atom_id 
_atom_site.label_alt_id 
_atom_site.label_comp_id 
_atom_site.label_asym_id 
_atom_site.label_entity_id 
_atom_site.label_seq_id 
_atom_site.pdbx_PDB_ins_code 
_atom_site.Cartn_x 
_atom_site.Cartn_y 
_atom_site.Cartn_z 
_atom_site.occupancy 
_atom_site.B_iso_or_equiv 
_atom_site.pdbx_formal_charge 
_atom_site.auth_seq_id 
_atom_site.auth_comp_id 
_atom_site.auth_asym_id 
_atom_site.auth_atom_id 
_atom_site.pdbx_PDB_model_num 
ATOM   1   O "O5'" . G   A 1 1  ? -8.196  8.946   -24.575 1.00 63.78 ? 1   G   A "O5'" 1 
ATOM   2   C "C5'" . G   A 1 1  ? -7.572  8.248   -25.641 1.00 63.49 ? 1   G   A "C5'" 1 
ATOM   3   C "C4'" . G   A 1 1  ? -6.404  9.030   -26.198 1.00 63.45 ? 1   G   A "C4'" 1 
ATOM   4   O "O4'" . G   A 1 1  ? -6.889  10.193  -26.947 1.00 63.29 ? 1   G   A "O4'" 1 
ATOM   5   C "C3'" . G   A 1 1  ? -5.448  9.620   -25.172 1.00 64.09 ? 1   G   A "C3'" 1 
ATOM   6   O "O3'" . G   A 1 1  ? -4.522  8.674   -24.647 1.00 64.99 ? 1   G   A "O3'" 1 
ATOM   7   C "C2'" . G   A 1 1  ? -4.818  10.772  -25.952 1.00 64.19 ? 1   G   A "C2'" 1 
ATOM   8   O "O2'" . G   A 1 1  ? -3.873  10.265  -26.885 1.00 64.37 ? 1   G   A "O2'" 1 
ATOM   9   C "C1'" . G   A 1 1  ? -6.035  11.294  -26.731 1.00 63.21 ? 1   G   A "C1'" 1 
ATOM   10  N N9    . G   A 1 1  ? -6.804  12.323  -25.985 1.00 63.66 ? 1   G   A N9    1 
ATOM   11  C C8    . G   A 1 1  ? -8.044  12.224  -25.348 1.00 63.27 ? 1   G   A C8    1 
ATOM   12  N N7    . G   A 1 1  ? -8.443  13.339  -24.767 1.00 63.30 ? 1   G   A N7    1 
ATOM   13  C C5    . G   A 1 1  ? -7.388  14.209  -25.054 1.00 63.85 ? 1   G   A C5    1 
ATOM   14  C C6    . G   A 1 1  ? -7.211  15.550  -24.700 1.00 63.54 ? 1   G   A C6    1 
ATOM   15  O O6    . G   A 1 1  ? -7.998  16.249  -24.050 1.00 63.34 ? 1   G   A O6    1 
ATOM   16  N N1    . G   A 1 1  ? -6.010  16.018  -25.194 1.00 63.27 ? 1   G   A N1    1 
ATOM   17  C C2    . G   A 1 1  ? -5.098  15.310  -25.903 1.00 63.33 ? 1   G   A C2    1 
ATOM   18  N N2    . G   A 1 1  ? -3.990  15.917  -26.295 1.00 63.65 ? 1   G   A N2    1 
ATOM   19  N N3    . G   A 1 1  ? -5.239  14.076  -26.249 1.00 63.81 ? 1   G   A N3    1 
ATOM   20  C C4    . G   A 1 1  ? -6.392  13.606  -25.794 1.00 63.14 ? 1   G   A C4    1 
ATOM   21  P P     . G   A 1 2  ? -4.122  8.693   -23.073 1.00 65.95 ? 2   G   A P     1 
ATOM   22  O OP1   . G   A 1 2  ? -3.340  7.488   -22.678 1.00 66.47 ? 2   G   A OP1   1 
ATOM   23  O OP2   . G   A 1 2  ? -5.330  9.012   -22.281 1.00 66.11 ? 2   G   A OP2   1 
ATOM   24  O "O5'" . G   A 1 2  ? -3.030  9.870   -22.954 1.00 64.93 ? 2   G   A "O5'" 1 
ATOM   25  C "C5'" . G   A 1 2  ? -1.823  9.877   -23.702 1.00 64.88 ? 2   G   A "C5'" 1 
ATOM   26  C "C4'" . G   A 1 2  ? -1.203  11.258  -23.711 1.00 64.81 ? 2   G   A "C4'" 1 
ATOM   27  O "O4'" . G   A 1 2  ? -2.009  12.210  -24.476 1.00 64.06 ? 2   G   A "O4'" 1 
ATOM   28  C "C3'" . G   A 1 2  ? -1.020  11.937  -22.370 1.00 64.71 ? 2   G   A "C3'" 1 
ATOM   29  O "O3'" . G   A 1 2  ? 0.104   11.443  -21.691 1.00 64.84 ? 2   G   A "O3'" 1 
ATOM   30  C "C2'" . G   A 1 2  ? -0.882  13.402  -22.770 1.00 64.60 ? 2   G   A "C2'" 1 
ATOM   31  O "O2'" . G   A 1 2  ? 0.388   13.645  -23.323 1.00 65.04 ? 2   G   A "O2'" 1 
ATOM   32  C "C1'" . G   A 1 2  ? -1.907  13.503  -23.901 1.00 64.09 ? 2   G   A "C1'" 1 
ATOM   33  N N9    . G   A 1 2  ? -3.220  13.897  -23.342 1.00 63.86 ? 2   G   A N9    1 
ATOM   34  C C8    . G   A 1 2  ? -4.306  13.099  -23.136 1.00 63.86 ? 2   G   A C8    1 
ATOM   35  N N7    . G   A 1 2  ? -5.294  13.704  -22.561 1.00 63.63 ? 2   G   A N7    1 
ATOM   36  C C5    . G   A 1 2  ? -4.848  15.007  -22.356 1.00 63.53 ? 2   G   A C5    1 
ATOM   37  C C6    . G   A 1 2  ? -5.474  16.160  -21.767 1.00 63.39 ? 2   G   A C6    1 
ATOM   38  O O6    . G   A 1 2  ? -6.588  16.299  -21.276 1.00 62.88 ? 2   G   A O6    1 
ATOM   39  N N1    . G   A 1 2  ? -4.663  17.258  -21.766 1.00 62.70 ? 2   G   A N1    1 
ATOM   40  C C2    . G   A 1 2  ? -3.412  17.246  -22.262 1.00 62.93 ? 2   G   A C2    1 
ATOM   41  N N2    . G   A 1 2  ? -2.774  18.371  -22.164 1.00 63.18 ? 2   G   A N2    1 
ATOM   42  N N3    . G   A 1 2  ? -2.800  16.234  -22.803 1.00 63.69 ? 2   G   A N3    1 
ATOM   43  C C4    . G   A 1 2  ? -3.566  15.128  -22.828 1.00 63.84 ? 2   G   A C4    1 
ATOM   44  P P     . G   A 1 3  ? 0.173   11.501  -20.094 1.00 66.21 ? 3   G   A P     1 
ATOM   45  O OP1   . G   A 1 3  ? 1.397   10.813  -19.606 1.00 66.24 ? 3   G   A OP1   1 
ATOM   46  O OP2   . G   A 1 3  ? -1.146  11.140  -19.518 1.00 65.98 ? 3   G   A OP2   1 
ATOM   47  O "O5'" . G   A 1 3  ? 0.414   13.031  -19.797 1.00 65.14 ? 3   G   A "O5'" 1 
ATOM   48  C "C5'" . G   A 1 3  ? 1.659   13.641  -20.079 1.00 65.21 ? 3   G   A "C5'" 1 
ATOM   49  C "C4'" . G   A 1 3  ? 1.668   15.060  -19.583 1.00 65.27 ? 3   G   A "C4'" 1 
ATOM   50  O "O4'" . G   A 1 3  ? 0.670   15.831  -20.301 1.00 64.73 ? 3   G   A "O4'" 1 
ATOM   51  C "C3'" . G   A 1 3  ? 1.286   15.245  -18.128 1.00 65.00 ? 3   G   A "C3'" 1 
ATOM   52  O "O3'" . G   A 1 3  ? 2.344   15.012  -17.235 1.00 65.09 ? 3   G   A "O3'" 1 
ATOM   53  C "C2'" . G   A 1 3  ? 0.828   16.675  -18.095 1.00 64.72 ? 3   G   A "C2'" 1 
ATOM   54  O "O2'" . G   A 1 3  ? 1.962   17.522  -18.097 1.00 64.91 ? 3   G   A "O2'" 1 
ATOM   55  C "C1'" . G   A 1 3  ? 0.098   16.778  -19.440 1.00 64.38 ? 3   G   A "C1'" 1 
ATOM   56  N N9    . G   A 1 3  ? -1.343  16.477  -19.289 1.00 64.33 ? 3   G   A N9    1 
ATOM   57  C C8    . G   A 1 3  ? -2.050  15.339  -19.570 1.00 63.62 ? 3   G   A C8    1 
ATOM   58  N N7    . G   A 1 3  ? -3.305  15.454  -19.250 1.00 63.55 ? 3   G   A N7    1 
ATOM   59  C C5    . G   A 1 3  ? -3.437  16.742  -18.750 1.00 63.21 ? 3   G   A C5    1 
ATOM   60  C C6    . G   A 1 3  ? -4.558  17.482  -18.254 1.00 63.01 ? 3   G   A C6    1 
ATOM   61  O O6    . G   A 1 3  ? -5.719  17.135  -18.147 1.00 62.64 ? 3   G   A O6    1 
ATOM   62  N N1    . G   A 1 3  ? -4.245  18.766  -17.847 1.00 62.54 ? 3   G   A N1    1 
ATOM   63  C C2    . G   A 1 3  ? -2.971  19.276  -17.907 1.00 62.95 ? 3   G   A C2    1 
ATOM   64  N N2    . G   A 1 3  ? -2.816  20.528  -17.477 1.00 62.10 ? 3   G   A N2    1 
ATOM   65  N N3    . G   A 1 3  ? -1.921  18.626  -18.366 1.00 63.28 ? 3   G   A N3    1 
ATOM   66  C C4    . G   A 1 3  ? -2.229  17.374  -18.764 1.00 63.32 ? 3   G   A C4    1 
ATOM   67  P P     . C   A 1 4  ? 2.035   14.217  -15.888 1.00 64.63 ? 4   C   A P     1 
ATOM   68  O OP1   . C   A 1 4  ? 3.356   13.645  -15.526 1.00 67.18 ? 4   C   A OP1   1 
ATOM   69  O OP2   . C   A 1 4  ? 0.802   13.404  -16.066 1.00 64.88 ? 4   C   A OP2   1 
ATOM   70  O "O5'" . C   A 1 4  ? 1.752   15.346  -14.813 1.00 65.14 ? 4   C   A "O5'" 1 
ATOM   71  C "C5'" . C   A 1 4  ? 2.526   16.522  -14.821 1.00 65.07 ? 4   C   A "C5'" 1 
ATOM   72  C "C4'" . C   A 1 4  ? 1.779   17.647  -14.180 1.00 65.07 ? 4   C   A "C4'" 1 
ATOM   73  O "O4'" . C   A 1 4  ? 0.758   18.150  -15.085 1.00 64.49 ? 4   C   A "O4'" 1 
ATOM   74  C "C3'" . C   A 1 4  ? 1.008   17.270  -12.927 1.00 65.18 ? 4   C   A "C3'" 1 
ATOM   75  O "O3'" . C   A 1 4  ? 1.852   17.159  -11.793 1.00 65.99 ? 4   C   A "O3'" 1 
ATOM   76  C "C2'" . C   A 1 4  ? -0.044  18.368  -12.856 1.00 64.61 ? 4   C   A "C2'" 1 
ATOM   77  O "O2'" . C   A 1 4  ? 0.513   19.588  -12.380 1.00 64.32 ? 4   C   A "O2'" 1 
ATOM   78  C "C1'" . C   A 1 4  ? -0.385  18.533  -14.342 1.00 64.08 ? 4   C   A "C1'" 1 
ATOM   79  N N1    . C   A 1 4  ? -1.511  17.659  -14.727 1.00 64.28 ? 4   C   A N1    1 
ATOM   80  C C2    . C   A 1 4  ? -2.788  18.138  -14.418 1.00 63.65 ? 4   C   A C2    1 
ATOM   81  O O2    . C   A 1 4  ? -2.879  19.231  -13.863 1.00 63.15 ? 4   C   A O2    1 
ATOM   82  N N3    . C   A 1 4  ? -3.880  17.396  -14.726 1.00 63.37 ? 4   C   A N3    1 
ATOM   83  C C4    . C   A 1 4  ? -3.706  16.212  -15.303 1.00 63.59 ? 4   C   A C4    1 
ATOM   84  N N4    . C   A 1 4  ? -4.811  15.530  -15.562 1.00 63.27 ? 4   C   A N4    1 
ATOM   85  C C5    . C   A 1 4  ? -2.400  15.704  -15.644 1.00 63.74 ? 4   C   A C5    1 
ATOM   86  C C6    . C   A 1 4  ? -1.333  16.440  -15.342 1.00 63.76 ? 4   C   A C6    1 
ATOM   87  P P     . U   A 1 5  ? 1.375   16.468  -10.424 1.00 66.28 ? 5   U   A P     1 
ATOM   88  O OP1   . U   A 1 5  ? 2.564   16.392  -9.535  1.00 66.64 ? 5   U   A OP1   1 
ATOM   89  O OP2   . U   A 1 5  ? 0.501   15.321  -10.691 1.00 66.44 ? 5   U   A OP2   1 
ATOM   90  O "O5'" . U   A 1 5  ? 0.470   17.595  -9.795  1.00 68.74 ? 5   U   A "O5'" 1 
ATOM   91  C "C5'" . U   A 1 5  ? -0.486  17.284  -8.834  1.00 66.14 ? 5   U   A "C5'" 1 
ATOM   92  C "C4'" . U   A 1 5  ? -1.669  18.189  -8.921  1.00 65.96 ? 5   U   A "C4'" 1 
ATOM   93  O "O4'" . U   A 1 5  ? -2.164  18.253  -10.278 1.00 65.03 ? 5   U   A "O4'" 1 
ATOM   94  C "C3'" . U   A 1 5  ? -2.803  17.608  -8.133  1.00 66.97 ? 5   U   A "C3'" 1 
ATOM   95  O "O3'" . U   A 1 5  ? -2.681  17.949  -6.783  1.00 68.40 ? 5   U   A "O3'" 1 
ATOM   96  C "C2'" . U   A 1 5  ? -4.049  18.107  -8.839  1.00 66.29 ? 5   U   A "C2'" 1 
ATOM   97  O "O2'" . U   A 1 5  ? -4.369  19.407  -8.417  1.00 65.74 ? 5   U   A "O2'" 1 
ATOM   98  C "C1'" . U   A 1 5  ? -3.580  18.140  -10.284 1.00 65.45 ? 5   U   A "C1'" 1 
ATOM   99  N N1    . U   A 1 5  ? -3.936  16.910  -11.019 1.00 64.77 ? 5   U   A N1    1 
ATOM   100 C C2    . U   A 1 5  ? -5.247  16.553  -11.284 1.00 64.73 ? 5   U   A C2    1 
ATOM   101 O O2    . U   A 1 5  ? -6.251  17.140  -10.927 1.00 64.77 ? 5   U   A O2    1 
ATOM   102 N N3    . U   A 1 5  ? -5.355  15.393  -11.999 1.00 64.44 ? 5   U   A N3    1 
ATOM   103 C C4    . U   A 1 5  ? -4.329  14.572  -12.465 1.00 63.76 ? 5   U   A C4    1 
ATOM   104 O O4    . U   A 1 5  ? -4.579  13.526  -13.098 1.00 62.02 ? 5   U   A O4    1 
ATOM   105 C C5    . U   A 1 5  ? -3.020  15.045  -12.161 1.00 64.48 ? 5   U   A C5    1 
ATOM   106 C C6    . U   A 1 5  ? -2.885  16.169  -11.480 1.00 64.84 ? 5   U   A C6    1 
ATOM   107 P P     . G   A 1 6  ? -2.090  16.862  -5.773  1.00 72.33 ? 6   G   A P     1 
ATOM   108 O OP1   . G   A 1 6  ? -1.067  17.673  -5.067  1.00 70.70 ? 6   G   A OP1   1 
ATOM   109 O OP2   . G   A 1 6  ? -1.700  15.592  -6.437  1.00 69.17 ? 6   G   A OP2   1 
ATOM   110 O "O5'" . G   A 1 6  ? -3.370  16.468  -4.904  1.00 70.24 ? 6   G   A "O5'" 1 
ATOM   111 C "C5'" . G   A 1 6  ? -4.215  17.484  -4.380  1.00 70.94 ? 6   G   A "C5'" 1 
ATOM   112 C "C4'" . G   A 1 6  ? -5.655  17.230  -4.705  1.00 70.57 ? 6   G   A "C4'" 1 
ATOM   113 O "O4'" . G   A 1 6  ? -5.814  17.154  -6.124  1.00 69.74 ? 6   G   A "O4'" 1 
ATOM   114 C "C3'" . G   A 1 6  ? -6.199  15.920  -4.228  1.00 71.28 ? 6   G   A "C3'" 1 
ATOM   115 O "O3'" . G   A 1 6  ? -6.529  15.957  -2.872  1.00 75.68 ? 6   G   A "O3'" 1 
ATOM   116 C "C2'" . G   A 1 6  ? -7.387  15.670  -5.164  1.00 70.53 ? 6   G   A "C2'" 1 
ATOM   117 O "O2'" . G   A 1 6  ? -8.571  16.387  -4.787  1.00 70.89 ? 6   G   A "O2'" 1 
ATOM   118 C "C1'" . G   A 1 6  ? -6.870  16.275  -6.446  1.00 69.13 ? 6   G   A "C1'" 1 
ATOM   119 N N9    . G   A 1 6  ? -6.393  15.307  -7.434  1.00 67.38 ? 6   G   A N9    1 
ATOM   120 C C8    . G   A 1 6  ? -5.102  15.049  -7.824  1.00 66.91 ? 6   G   A C8    1 
ATOM   121 N N7    . G   A 1 6  ? -5.065  14.206  -8.817  1.00 66.05 ? 6   G   A N7    1 
ATOM   122 C C5    . G   A 1 6  ? -6.414  13.928  -9.110  1.00 65.77 ? 6   G   A C5    1 
ATOM   123 C C6    . G   A 1 6  ? -7.026  13.079  -10.084 1.00 65.21 ? 6   G   A C6    1 
ATOM   124 O O6    . G   A 1 6  ? -6.517  12.370  -10.967 1.00 64.67 ? 6   G   A O6    1 
ATOM   125 N N1    . G   A 1 6  ? -8.406  13.118  -9.959  1.00 65.10 ? 6   G   A N1    1 
ATOM   126 C C2    . G   A 1 6  ? -9.113  13.874  -9.067  1.00 65.74 ? 6   G   A C2    1 
ATOM   127 N N2    . G   A 1 6  ? -10.434 13.753  -9.136  1.00 65.53 ? 6   G   A N2    1 
ATOM   128 N N3    . G   A 1 6  ? -8.581  14.673  -8.170  1.00 66.32 ? 6   G   A N3    1 
ATOM   129 C C4    . G   A 1 6  ? -7.236  14.634  -8.258  1.00 66.64 ? 6   G   A C4    1 
ATOM   130 P P     . C   A 1 7  ? -6.548  14.582  -2.061  1.00 84.13 ? 7   C   A P     1 
ATOM   131 O OP1   . C   A 1 7  ? -6.764  15.089  -0.657  1.00 77.26 ? 7   C   A OP1   1 
ATOM   132 O OP2   . C   A 1 7  ? -5.319  13.824  -2.504  1.00 75.04 ? 7   C   A OP2   1 
ATOM   133 O "O5'" . C   A 1 7  ? -7.833  13.800  -2.633  1.00 72.37 ? 7   C   A "O5'" 1 
ATOM   134 C "C5'" . C   A 1 7  ? -9.141  14.185  -2.247  1.00 71.80 ? 7   C   A "C5'" 1 
ATOM   135 C "C4'" . C   A 1 7  ? -10.210 13.431  -2.995  1.00 69.85 ? 7   C   A "C4'" 1 
ATOM   136 O "O4'" . C   A 1 7  ? -10.028 13.607  -4.418  1.00 68.96 ? 7   C   A "O4'" 1 
ATOM   137 C "C3'" . C   A 1 7  ? -10.243 11.928  -2.828  1.00 68.29 ? 7   C   A "C3'" 1 
ATOM   138 O "O3'" . C   A 1 7  ? -10.815 11.481  -1.610  1.00 70.19 ? 7   C   A "O3'" 1 
ATOM   139 C "C2'" . C   A 1 7  ? -11.005 11.486  -4.074  1.00 67.53 ? 7   C   A "C2'" 1 
ATOM   140 O "O2'" . C   A 1 7  ? -12.395 11.733  -3.956  1.00 67.41 ? 7   C   A "O2'" 1 
ATOM   141 C "C1'" . C   A 1 7  ? -10.443 12.450  -5.106  1.00 67.69 ? 7   C   A "C1'" 1 
ATOM   142 N N1    . C   A 1 7  ? -9.272  11.912  -5.836  1.00 66.58 ? 7   C   A N1    1 
ATOM   143 C C2    . C   A 1 7  ? -9.460  11.088  -6.967  1.00 65.63 ? 7   C   A C2    1 
ATOM   144 O O2    . C   A 1 7  ? -10.607 10.751  -7.317  1.00 65.10 ? 7   C   A O2    1 
ATOM   145 N N3    . C   A 1 7  ? -8.362  10.663  -7.665  1.00 64.95 ? 7   C   A N3    1 
ATOM   146 C C4    . C   A 1 7  ? -7.122  11.028  -7.272  1.00 65.32 ? 7   C   A C4    1 
ATOM   147 N N4    . C   A 1 7  ? -6.072  10.576  -7.981  1.00 64.80 ? 7   C   A N4    1 
ATOM   148 C C5    . C   A 1 7  ? -6.918  11.887  -6.127  1.00 66.87 ? 7   C   A C5    1 
ATOM   149 C C6    . C   A 1 7  ? -8.008  12.303  -5.453  1.00 67.56 ? 7   C   A C6    1 
ATOM   150 P P     . A   A 1 8  ? -10.425 10.028  -1.021  1.00 72.71 ? 8   A   A P     1 
ATOM   151 O OP1   . A   A 1 8  ? -10.931 9.834   0.381   1.00 69.27 ? 8   A   A OP1   1 
ATOM   152 O OP2   . A   A 1 8  ? -8.953  10.061  -1.235  1.00 69.17 ? 8   A   A OP2   1 
ATOM   153 O "O5'" . A   A 1 8  ? -11.128 8.983   -2.004  1.00 66.61 ? 8   A   A "O5'" 1 
ATOM   154 C "C5'" . A   A 1 8  ? -12.523 8.817   -2.005  1.00 66.09 ? 8   A   A "C5'" 1 
ATOM   155 C "C4'" . A   A 1 8  ? -12.930 7.788   -3.020  1.00 64.92 ? 8   A   A "C4'" 1 
ATOM   156 O "O4'" . A   A 1 8  ? -12.519 8.239   -4.326  1.00 64.56 ? 8   A   A "O4'" 1 
ATOM   157 C "C3'" . A   A 1 8  ? -12.266 6.436   -2.890  1.00 63.93 ? 8   A   A "C3'" 1 
ATOM   158 O "O3'" . A   A 1 8  ? -12.835 5.588   -1.937  1.00 63.62 ? 8   A   A "O3'" 1 
ATOM   159 C "C2'" . A   A 1 8  ? -12.334 5.875   -4.300  1.00 63.38 ? 8   A   A "C2'" 1 
ATOM   160 O "O2'" . A   A 1 8  ? -13.588 5.273   -4.560  1.00 63.14 ? 8   A   A "O2'" 1 
ATOM   161 C "C1'" . A   A 1 8  ? -12.157 7.137   -5.133  1.00 63.75 ? 8   A   A "C1'" 1 
ATOM   162 N N9    . A   A 1 8  ? -10.753 7.335   -5.552  1.00 63.72 ? 8   A   A N9    1 
ATOM   163 C C8    . A   A 1 8  ? -9.868  8.212   -4.994  1.00 64.22 ? 8   A   A C8    1 
ATOM   164 N N7    . A   A 1 8  ? -8.695  8.214   -5.550  1.00 63.83 ? 8   A   A N7    1 
ATOM   165 C C5    . A   A 1 8  ? -8.825  7.275   -6.549  1.00 63.21 ? 8   A   A C5    1 
ATOM   166 C C6    . A   A 1 8  ? -7.910  6.806   -7.496  1.00 62.61 ? 8   A   A C6    1 
ATOM   167 N N6    . A   A 1 8  ? -6.675  7.265   -7.578  1.00 62.68 ? 8   A   A N6    1 
ATOM   168 N N1    . A   A 1 8  ? -8.318  5.861   -8.349  1.00 62.63 ? 8   A   A N1    1 
ATOM   169 C C2    . A   A 1 8  ? -9.572  5.416   -8.249  1.00 62.53 ? 8   A   A C2    1 
ATOM   170 N N3    . A   A 1 8  ? -10.521 5.778   -7.393  1.00 62.62 ? 8   A   A N3    1 
ATOM   171 C C4    . A   A 1 8  ? -10.074 6.718   -6.560  1.00 62.75 ? 8   A   A C4    1 
ATOM   172 P P     . C   A 1 9  ? -11.855 4.623   -1.107  1.00 64.65 ? 9   C   A P     1 
ATOM   173 O OP1   . C   A 1 9  ? -12.460 4.188   0.185   1.00 63.34 ? 9   C   A OP1   1 
ATOM   174 O OP2   . C   A 1 9  ? -10.585 5.369   -1.046  1.00 64.11 ? 9   C   A OP2   1 
ATOM   175 O "O5'" . C   A 1 9  ? -11.624 3.383   -2.082  1.00 62.45 ? 9   C   A "O5'" 1 
ATOM   176 C "C5'" . C   A 1 9  ? -12.645 2.505   -2.507  1.00 62.12 ? 9   C   A "C5'" 1 
ATOM   177 C "C4'" . C   A 1 9  ? -12.079 1.587   -3.566  1.00 62.08 ? 9   C   A "C4'" 1 
ATOM   178 O "O4'" . C   A 1 9  ? -11.688 2.358   -4.742  1.00 61.89 ? 9   C   A "O4'" 1 
ATOM   179 C "C3'" . C   A 1 9  ? -10.796 0.845   -3.227  1.00 61.46 ? 9   C   A "C3'" 1 
ATOM   180 O "O3'" . C   A 1 9  ? -10.962 -0.252  -2.361  1.00 61.90 ? 9   C   A "O3'" 1 
ATOM   181 C "C2'" . C   A 1 9  ? -10.262 0.476   -4.612  1.00 61.35 ? 9   C   A "C2'" 1 
ATOM   182 O "O2'" . C   A 1 9  ? -10.997 -0.586  -5.198  1.00 61.77 ? 9   C   A "O2'" 1 
ATOM   183 C "C1'" . C   A 1 9  ? -10.583 1.742   -5.382  1.00 61.27 ? 9   C   A "C1'" 1 
ATOM   184 N N1    . C   A 1 9  ? -9.437  2.670   -5.373  1.00 61.43 ? 9   C   A N1    1 
ATOM   185 C C2    . C   A 1 9  ? -8.396  2.391   -6.263  1.00 60.88 ? 9   C   A C2    1 
ATOM   186 O O2    . C   A 1 9  ? -8.455  1.421   -7.003  1.00 60.77 ? 9   C   A O2    1 
ATOM   187 N N3    . C   A 1 9  ? -7.333  3.205   -6.305  1.00 61.23 ? 9   C   A N3    1 
ATOM   188 C C4    . C   A 1 9  ? -7.278  4.251   -5.502  1.00 60.89 ? 9   C   A C4    1 
ATOM   189 N N4    . C   A 1 9  ? -6.182  4.969   -5.617  1.00 61.12 ? 9   C   A N4    1 
ATOM   190 C C5    . C   A 1 9  ? -8.320  4.581   -4.585  1.00 61.62 ? 9   C   A C5    1 
ATOM   191 C C6    . C   A 1 9  ? -9.383  3.773   -4.552  1.00 61.65 ? 9   C   A C6    1 
ATOM   192 P P     . U   A 1 10 ? -9.792  -0.667  -1.346  1.00 60.66 ? 10  U   A P     1 
ATOM   193 O OP1   . U   A 1 10 ? -10.419 -1.743  -0.521  1.00 62.29 ? 10  U   A OP1   1 
ATOM   194 O OP2   . U   A 1 10 ? -9.169  0.562   -0.819  1.00 60.81 ? 10  U   A OP2   1 
ATOM   195 O "O5'" . U   A 1 10 ? -8.649  -1.318  -2.246  1.00 60.57 ? 10  U   A "O5'" 1 
ATOM   196 C "C5'" . U   A 1 10 ? -8.840  -2.534  -2.915  1.00 60.96 ? 10  U   A "C5'" 1 
ATOM   197 C "C4'" . U   A 1 10 ? -7.766  -2.718  -3.922  1.00 60.40 ? 10  U   A "C4'" 1 
ATOM   198 O "O4'" . U   A 1 10 ? -7.681  -1.554  -4.783  1.00 60.46 ? 10  U   A "O4'" 1 
ATOM   199 C "C3'" . U   A 1 10 ? -6.405  -2.841  -3.322  1.00 59.86 ? 10  U   A "C3'" 1 
ATOM   200 O "O3'" . U   A 1 10 ? -6.175  -4.167  -2.967  1.00 60.35 ? 10  U   A "O3'" 1 
ATOM   201 C "C2'" . U   A 1 10 ? -5.498  -2.382  -4.435  1.00 60.07 ? 10  U   A "C2'" 1 
ATOM   202 O "O2'" . U   A 1 10 ? -5.269  -3.435  -5.346  1.00 60.11 ? 10  U   A "O2'" 1 
ATOM   203 C "C1'" . U   A 1 10 ? -6.349  -1.294  -5.099  1.00 60.02 ? 10  U   A "C1'" 1 
ATOM   204 N N1    . U   A 1 10 ? -6.022  0.046   -4.567  1.00 60.48 ? 10  U   A N1    1 
ATOM   205 C C2    . U   A 1 10 ? -4.911  0.627   -5.057  1.00 59.83 ? 10  U   A C2    1 
ATOM   206 O O2    . U   A 1 10 ? -4.265  0.109   -5.881  1.00 60.04 ? 10  U   A O2    1 
ATOM   207 N N3    . U   A 1 10 ? -4.590  1.821   -4.570  1.00 59.66 ? 10  U   A N3    1 
ATOM   208 C C4    . U   A 1 10 ? -5.278  2.498   -3.632  1.00 59.81 ? 10  U   A C4    1 
ATOM   209 O O4    . U   A 1 10 ? -4.838  3.587   -3.324  1.00 59.69 ? 10  U   A O4    1 
ATOM   210 C C5    . U   A 1 10 ? -6.440  1.867   -3.130  1.00 59.77 ? 10  U   A C5    1 
ATOM   211 C C6    . U   A 1 10 ? -6.766  0.682   -3.601  1.00 59.92 ? 10  U   A C6    1 
ATOM   212 P P     . U   A 1 11 ? -5.398  -4.538  -1.627  1.00 59.87 ? 11  U   A P     1 
ATOM   213 O OP1   . U   A 1 11 ? -5.808  -5.915  -1.380  1.00 60.98 ? 11  U   A OP1   1 
ATOM   214 O OP2   . U   A 1 11 ? -5.683  -3.516  -0.605  1.00 59.79 ? 11  U   A OP2   1 
ATOM   215 O "O5'" . U   A 1 11 ? -3.863  -4.428  -1.995  1.00 59.95 ? 11  U   A "O5'" 1 
ATOM   216 C "C5'" . U   A 1 11 ? -3.305  -4.963  -3.179  1.00 60.19 ? 11  U   A "C5'" 1 
ATOM   217 C "C4'" . U   A 1 11 ? -1.959  -4.327  -3.459  1.00 60.01 ? 11  U   A "C4'" 1 
ATOM   218 O "O4'" . U   A 1 11 ? -2.167  -2.911  -3.777  1.00 59.89 ? 11  U   A "O4'" 1 
ATOM   219 C "C3'" . U   A 1 11 ? -0.988  -4.364  -2.276  1.00 60.06 ? 11  U   A "C3'" 1 
ATOM   220 O "O3'" . U   A 1 11 ? 0.347   -4.692  -2.661  1.00 60.43 ? 11  U   A "O3'" 1 
ATOM   221 C "C2'" . U   A 1 11 ? -1.058  -2.940  -1.730  1.00 59.85 ? 11  U   A "C2'" 1 
ATOM   222 O "O2'" . U   A 1 11 ? 0.054   -2.487  -0.958  1.00 59.85 ? 11  U   A "O2'" 1 
ATOM   223 C "C1'" . U   A 1 11 ? -1.293  -2.132  -3.008  1.00 59.59 ? 11  U   A "C1'" 1 
ATOM   224 N N1    . U   A 1 11 ? -1.836  -0.815  -2.681  1.00 59.10 ? 11  U   A N1    1 
ATOM   225 C C2    . U   A 1 11 ? -0.999  0.266   -2.943  1.00 60.83 ? 11  U   A C2    1 
ATOM   226 O O2    . U   A 1 11 ? 0.017   0.147   -3.606  1.00 59.77 ? 11  U   A O2    1 
ATOM   227 N N3    . U   A 1 11 ? -1.420  1.488   -2.491  1.00 58.84 ? 11  U   A N3    1 
ATOM   228 C C4    . U   A 1 11 ? -2.573  1.674   -1.785  1.00 58.94 ? 11  U   A C4    1 
ATOM   229 O O4    . U   A 1 11 ? -2.868  2.799   -1.432  1.00 58.71 ? 11  U   A O4    1 
ATOM   230 C C5    . U   A 1 11 ? -3.347  0.522   -1.513  1.00 59.07 ? 11  U   A C5    1 
ATOM   231 C C6    . U   A 1 11 ? -2.963  -0.675  -1.931  1.00 59.32 ? 11  U   A C6    1 
ATOM   232 P P     . C   A 1 12 ? 1.176   -5.696  -1.696  1.00 60.30 ? 12  C   A P     1 
ATOM   233 O OP1   . C   A 1 12 ? 0.332   -6.900  -1.614  1.00 61.01 ? 12  C   A OP1   1 
ATOM   234 O OP2   . C   A 1 12 ? 1.465   -5.040  -0.408  1.00 60.61 ? 12  C   A OP2   1 
ATOM   235 O "O5'" . C   A 1 12 ? 2.566   -5.938  -2.432  1.00 61.23 ? 12  C   A "O5'" 1 
ATOM   236 C "C5'" . C   A 1 12 ? 2.620   -6.314  -3.783  1.00 61.67 ? 12  C   A "C5'" 1 
ATOM   237 C "C4'" . C   A 1 12 ? 3.948   -5.945  -4.373  1.00 62.09 ? 12  C   A "C4'" 1 
ATOM   238 O "O4'" . C   A 1 12 ? 3.875   -4.630  -4.970  1.00 62.15 ? 12  C   A "O4'" 1 
ATOM   239 C "C3'" . C   A 1 12 ? 5.111   -5.829  -3.414  1.00 62.25 ? 12  C   A "C3'" 1 
ATOM   240 O "O3'" . C   A 1 12 ? 5.659   -7.067  -3.083  1.00 62.43 ? 12  C   A "O3'" 1 
ATOM   241 C "C2'" . C   A 1 12 ? 6.089   -4.960  -4.192  1.00 62.46 ? 12  C   A "C2'" 1 
ATOM   242 O "O2'" . C   A 1 12 ? 6.779   -5.728  -5.170  1.00 62.91 ? 12  C   A "O2'" 1 
ATOM   243 C "C1'" . C   A 1 12 ? 5.138   -3.990  -4.892  1.00 62.25 ? 12  C   A "C1'" 1 
ATOM   244 N N1    . C   A 1 12 ? 4.973   -2.756  -4.099  1.00 61.75 ? 12  C   A N1    1 
ATOM   245 C C2    . C   A 1 12 ? 5.974   -1.779  -3.956  1.00 61.73 ? 12  C   A C2    1 
ATOM   246 O O2    . C   A 1 12 ? 7.046   -1.926  -4.565  1.00 61.43 ? 12  C   A O2    1 
ATOM   247 N N3    . C   A 1 12 ? 5.772   -0.682  -3.169  1.00 61.65 ? 12  C   A N3    1 
ATOM   248 C C4    . C   A 1 12 ? 4.600   -0.577  -2.536  1.00 61.53 ? 12  C   A C4    1 
ATOM   249 N N4    . C   A 1 12 ? 4.330   0.457   -1.744  1.00 61.44 ? 12  C   A N4    1 
ATOM   250 C C5    . C   A 1 12 ? 3.578   -1.558  -2.670  1.00 61.53 ? 12  C   A C5    1 
ATOM   251 C C6    . C   A 1 12 ? 3.805   -2.622  -3.444  1.00 61.66 ? 12  C   A C6    1 
ATOM   252 P P     . G   A 1 13 ? 5.768   -7.518  -1.559  1.00 62.63 ? 13  G   A P     1 
ATOM   253 O OP1   . G   A 1 13 ? 6.628   -8.716  -1.635  1.00 62.97 ? 13  G   A OP1   1 
ATOM   254 O OP2   . G   A 1 13 ? 4.443   -7.569  -0.885  1.00 62.54 ? 13  G   A OP2   1 
ATOM   255 O "O5'" . G   A 1 13 ? 6.655   -6.395  -0.840  1.00 62.65 ? 13  G   A "O5'" 1 
ATOM   256 C "C5'" . G   A 1 13 ? 7.966   -6.062  -1.272  1.00 62.49 ? 13  G   A "C5'" 1 
ATOM   257 C "C4'" . G   A 1 13 ? 8.326   -4.633  -0.915  1.00 62.71 ? 13  G   A "C4'" 1 
ATOM   258 O "O4'" . G   A 1 13 ? 7.363   -3.682  -1.497  1.00 62.26 ? 13  G   A "O4'" 1 
ATOM   259 C "C3'" . G   A 1 13 ? 8.342   -4.276  0.576   1.00 62.51 ? 13  G   A "C3'" 1 
ATOM   260 O "O3'" . G   A 1 13 ? 9.500   -4.700  1.264   1.00 62.44 ? 13  G   A "O3'" 1 
ATOM   261 C "C2'" . G   A 1 13 ? 8.200   -2.764  0.542   1.00 62.29 ? 13  G   A "C2'" 1 
ATOM   262 O "O2'" . G   A 1 13 ? 9.422   -2.162  0.167   1.00 62.30 ? 13  G   A "O2'" 1 
ATOM   263 C "C1'" . G   A 1 13 ? 7.184   -2.586  -0.605  1.00 62.13 ? 13  G   A "C1'" 1 
ATOM   264 N N9    . G   A 1 13 ? 5.815   -2.597  -0.022  1.00 62.14 ? 13  G   A N9    1 
ATOM   265 C C8    . G   A 1 13 ? 4.857   -3.567  -0.071  1.00 61.48 ? 13  G   A C8    1 
ATOM   266 N N7    . G   A 1 13 ? 3.803   -3.288  0.624   1.00 61.29 ? 13  G   A N7    1 
ATOM   267 C C5    . G   A 1 13 ? 4.076   -2.057  1.202   1.00 61.74 ? 13  G   A C5    1 
ATOM   268 C C6    . G   A 1 13 ? 3.297   -1.231  2.065   1.00 60.38 ? 13  G   A C6    1 
ATOM   269 O O6    . G   A 1 13 ? 2.178   -1.427  2.510   1.00 60.29 ? 13  G   A O6    1 
ATOM   270 N N1    . G   A 1 13 ? 3.977   -0.074  2.397   1.00 60.91 ? 13  G   A N1    1 
ATOM   271 C C2    . G   A 1 13 ? 5.238   0.251   1.966   1.00 61.03 ? 13  G   A C2    1 
ATOM   272 N N2    . G   A 1 13 ? 5.776   1.405   2.378   1.00 60.83 ? 13  G   A N2    1 
ATOM   273 N N3    . G   A 1 13 ? 5.945   -0.503  1.145   1.00 61.43 ? 13  G   A N3    1 
ATOM   274 C C4    . G   A 1 13 ? 5.318   -1.633  0.806   1.00 60.89 ? 13  G   A C4    1 
ATOM   275 P P     . G   A 1 14 ? 9.421   -5.199  2.791   1.00 63.05 ? 14  G   A P     1 
ATOM   276 O OP1   . G   A 1 14 ? 10.747  -5.712  3.154   1.00 67.55 ? 14  G   A OP1   1 
ATOM   277 O OP2   . G   A 1 14 ? 8.252   -6.086  3.019   1.00 62.86 ? 14  G   A OP2   1 
ATOM   278 O "O5'" . G   A 1 14 ? 9.438   -3.871  3.661   1.00 62.99 ? 14  G   A "O5'" 1 
ATOM   279 C "C5'" . G   A 1 14 ? 10.388  -2.872  3.412   1.00 62.73 ? 14  G   A "C5'" 1 
ATOM   280 C "C4'" . G   A 1 14 ? 10.016  -1.614  4.127   1.00 62.69 ? 14  G   A "C4'" 1 
ATOM   281 O "O4'" . G   A 1 14 ? 8.821   -1.016  3.557   1.00 62.14 ? 14  G   A "O4'" 1 
ATOM   282 C "C3'" . G   A 1 14 ? 9.672   -1.798  5.574   1.00 62.51 ? 14  G   A "C3'" 1 
ATOM   283 O "O3'" . G   A 1 14 ? 10.822  -1.921  6.358   1.00 62.79 ? 14  G   A "O3'" 1 
ATOM   284 C "C2'" . G   A 1 14 ? 8.878   -0.550  5.869   1.00 62.16 ? 14  G   A "C2'" 1 
ATOM   285 O "O2'" . G   A 1 14 ? 9.765   0.557   5.978   1.00 61.91 ? 14  G   A "O2'" 1 
ATOM   286 C "C1'" . G   A 1 14 ? 8.063   -0.421  4.579   1.00 61.82 ? 14  G   A "C1'" 1 
ATOM   287 N N9    . G   A 1 14 ? 6.788   -1.155  4.655   1.00 61.27 ? 14  G   A N9    1 
ATOM   288 C C8    . G   A 1 14 ? 6.530   -2.355  4.028   1.00 62.18 ? 14  G   A C8    1 
ATOM   289 N N7    . G   A 1 14 ? 5.353   -2.873  4.225   1.00 60.83 ? 14  G   A N7    1 
ATOM   290 C C5    . G   A 1 14 ? 4.780   -1.923  5.043   1.00 61.96 ? 14  G   A C5    1 
ATOM   291 C C6    . G   A 1 14 ? 3.479   -1.931  5.591   1.00 60.95 ? 14  G   A C6    1 
ATOM   292 O O6    . G   A 1 14 ? 2.619   -2.778  5.428   1.00 60.91 ? 14  G   A O6    1 
ATOM   293 N N1    . G   A 1 14 ? 3.249   -0.814  6.361   1.00 60.89 ? 14  G   A N1    1 
ATOM   294 C C2    . G   A 1 14 ? 4.172   0.176   6.554   1.00 61.19 ? 14  G   A C2    1 
ATOM   295 N N2    . G   A 1 14 ? 3.730   1.153   7.321   1.00 60.98 ? 14  G   A N2    1 
ATOM   296 N N3    . G   A 1 14 ? 5.399   0.219   6.067   1.00 60.74 ? 14  G   A N3    1 
ATOM   297 C C4    . G   A 1 14 ? 5.637   -0.856  5.319   1.00 61.35 ? 14  G   A C4    1 
ATOM   298 P P     . U   A 1 15 ? 10.757  -2.722  7.730   1.00 63.88 ? 15  U   A P     1 
ATOM   299 O OP1   . U   A 1 15 ? 12.002  -2.382  8.435   1.00 67.76 ? 15  U   A OP1   1 
ATOM   300 O OP2   . U   A 1 15 ? 10.374  -4.115  7.429   1.00 64.11 ? 15  U   A OP2   1 
ATOM   301 O "O5'" . U   A 1 15 ? 9.636   -1.982  8.596   1.00 63.42 ? 15  U   A "O5'" 1 
ATOM   302 C "C5'" . U   A 1 15 ? 9.958   -0.846  9.371   1.00 62.96 ? 15  U   A "C5'" 1 
ATOM   303 C "C4'" . U   A 1 15 ? 8.769   -0.342  10.144  1.00 62.63 ? 15  U   A "C4'" 1 
ATOM   304 O "O4'" . U   A 1 15 ? 7.633   -0.126  9.263   1.00 62.40 ? 15  U   A "O4'" 1 
ATOM   305 C "C3'" . U   A 1 15 ? 8.222   -1.272  11.206  1.00 63.46 ? 15  U   A "C3'" 1 
ATOM   306 O "O3'" . U   A 1 15 ? 8.982   -1.259  12.382  1.00 66.92 ? 15  U   A "O3'" 1 
ATOM   307 C "C2'" . U   A 1 15 ? 6.793   -0.771  11.395  1.00 63.18 ? 15  U   A "C2'" 1 
ATOM   308 O "O2'" . U   A 1 15 ? 6.753   0.413   12.173  1.00 63.41 ? 15  U   A "O2'" 1 
ATOM   309 C "C1'" . U   A 1 15 ? 6.425   -0.421  9.962   1.00 62.32 ? 15  U   A "C1'" 1 
ATOM   310 N N1    . U   A 1 15 ? 5.785   -1.573  9.313   1.00 61.83 ? 15  U   A N1    1 
ATOM   311 C C2    . U   A 1 15 ? 4.494   -1.818  9.676   1.00 61.94 ? 15  U   A C2    1 
ATOM   312 O O2    . U   A 1 15 ? 3.875   -1.149  10.453  1.00 62.23 ? 15  U   A O2    1 
ATOM   313 N N3    . U   A 1 15 ? 3.915   -2.887  9.078   1.00 61.95 ? 15  U   A N3    1 
ATOM   314 C C4    . U   A 1 15 ? 4.505   -3.707  8.168   1.00 61.85 ? 15  U   A C4    1 
ATOM   315 O O4    . U   A 1 15 ? 3.814   -4.615  7.732   1.00 61.74 ? 15  U   A O4    1 
ATOM   316 C C5    . U   A 1 15 ? 5.871   -3.392  7.832   1.00 61.80 ? 15  U   A C5    1 
ATOM   317 C C6    . U   A 1 15 ? 6.467   -2.350  8.402   1.00 62.04 ? 15  U   A C6    1 
ATOM   318 P P     . G   A 1 16 ? 9.232   -2.623  13.200  1.00 65.70 ? 16  G   A P     1 
ATOM   319 O OP1   . G   A 1 16 ? 10.377  -2.200  14.084  1.00 67.77 ? 16  G   A OP1   1 
ATOM   320 O OP2   . G   A 1 16 ? 9.406   -3.722  12.223  1.00 65.51 ? 16  G   A OP2   1 
ATOM   321 O "O5'" . G   A 1 16 ? 7.871   -2.915  13.998  1.00 65.77 ? 16  G   A "O5'" 1 
ATOM   322 C "C5'" . G   A 1 16 ? 7.394   -2.030  14.997  1.00 66.23 ? 16  G   A "C5'" 1 
ATOM   323 C "C4'" . G   A 1 16 ? 5.921   -2.223  15.236  1.00 66.32 ? 16  G   A "C4'" 1 
ATOM   324 O "O4'" . G   A 1 16 ? 5.201   -2.197  13.984  1.00 65.46 ? 16  G   A "O4'" 1 
ATOM   325 C "C3'" . G   A 1 16 ? 5.480   -3.544  15.841  1.00 66.75 ? 16  G   A "C3'" 1 
ATOM   326 O "O3'" . G   A 1 16 ? 5.674   -3.622  17.220  1.00 69.73 ? 16  G   A "O3'" 1 
ATOM   327 C "C2'" . G   A 1 16 ? 4.014   -3.574  15.513  1.00 66.41 ? 16  G   A "C2'" 1 
ATOM   328 O "O2'" . G   A 1 16 ? 3.341   -2.705  16.406  1.00 66.83 ? 16  G   A "O2'" 1 
ATOM   329 C "C1'" . G   A 1 16 ? 4.013   -2.961  14.122  1.00 65.44 ? 16  G   A "C1'" 1 
ATOM   330 N N9    . G   A 1 16 ? 3.927   -3.955  13.048  1.00 64.36 ? 16  G   A N9    1 
ATOM   331 C C8    . G   A 1 16 ? 4.881   -4.383  12.165  1.00 64.10 ? 16  G   A C8    1 
ATOM   332 N N7    . G   A 1 16 ? 4.425   -5.232  11.287  1.00 63.53 ? 16  G   A N7    1 
ATOM   333 C C5    . G   A 1 16 ? 3.091   -5.351  11.647  1.00 63.93 ? 16  G   A C5    1 
ATOM   334 C C6    . G   A 1 16 ? 2.063   -6.143  11.106  1.00 64.01 ? 16  G   A C6    1 
ATOM   335 O O6    . G   A 1 16 ? 2.108   -6.897  10.153  1.00 63.70 ? 16  G   A O6    1 
ATOM   336 N N1    . G   A 1 16 ? 0.865   -5.978  11.769  1.00 63.86 ? 16  G   A N1    1 
ATOM   337 C C2    . G   A 1 16 ? 0.657   -5.159  12.845  1.00 64.50 ? 16  G   A C2    1 
ATOM   338 N N2    . G   A 1 16 ? -0.609  -5.169  13.336  1.00 63.95 ? 16  G   A N2    1 
ATOM   339 N N3    . G   A 1 16 ? 1.625   -4.415  13.373  1.00 64.20 ? 16  G   A N3    1 
ATOM   340 C C4    . G   A 1 16 ? 2.777   -4.566  12.721  1.00 64.04 ? 16  G   A C4    1 
ATOM   341 P P     . C   A 1 17 ? 6.192   -4.988  17.854  1.00 73.47 ? 17  C   A P     1 
ATOM   342 O OP1   . C   A 1 17 ? 6.708   -4.458  19.153  1.00 71.17 ? 17  C   A OP1   1 
ATOM   343 O OP2   . C   A 1 17 ? 7.152   -5.580  16.863  1.00 68.93 ? 17  C   A OP2   1 
ATOM   344 O "O5'" . C   A 1 17 ? 4.886   -5.931  17.993  1.00 68.78 ? 17  C   A "O5'" 1 
ATOM   345 C "C5'" . C   A 1 17 ? 3.847   -5.680  18.934  1.00 68.60 ? 17  C   A "C5'" 1 
ATOM   346 C "C4'" . C   A 1 17 ? 2.504   -6.217  18.468  1.00 67.86 ? 17  C   A "C4'" 1 
ATOM   347 O "O4'" . C   A 1 17 ? 2.266   -5.841  17.093  1.00 66.93 ? 17  C   A "O4'" 1 
ATOM   348 C "C3'" . C   A 1 17 ? 2.328   -7.736  18.473  1.00 67.58 ? 17  C   A "C3'" 1 
ATOM   349 O "O3'" . C   A 1 17 ? 1.941   -8.271  19.727  1.00 71.53 ? 17  C   A "O3'" 1 
ATOM   350 C "C2'" . C   A 1 17 ? 1.259   -7.974  17.419  1.00 67.23 ? 17  C   A "C2'" 1 
ATOM   351 O "O2'" . C   A 1 17 ? -0.039  -7.850  17.969  1.00 67.70 ? 17  C   A "O2'" 1 
ATOM   352 C "C1'" . C   A 1 17 ? 1.528   -6.845  16.427  1.00 66.63 ? 17  C   A "C1'" 1 
ATOM   353 N N1    . C   A 1 17 ? 2.292   -7.354  15.263  1.00 65.85 ? 17  C   A N1    1 
ATOM   354 C C2    . C   A 1 17 ? 1.598   -8.162  14.330  1.00 65.40 ? 17  C   A C2    1 
ATOM   355 O O2    . C   A 1 17 ? 0.385   -8.414  14.472  1.00 65.18 ? 17  C   A O2    1 
ATOM   356 N N3    . C   A 1 17 ? 2.259   -8.660  13.267  1.00 64.84 ? 17  C   A N3    1 
ATOM   357 C C4    . C   A 1 17 ? 3.554   -8.410  13.107  1.00 64.80 ? 17  C   A C4    1 
ATOM   358 N N4    . C   A 1 17 ? 4.163   -8.946  12.029  1.00 64.18 ? 17  C   A N4    1 
ATOM   359 C C5    . C   A 1 17 ? 4.263   -7.600  14.060  1.00 65.28 ? 17  C   A C5    1 
ATOM   360 C C6    . C   A 1 17 ? 3.620   -7.096  15.114  1.00 65.71 ? 17  C   A C6    1 
ATOM   361 P P     . U   A 1 18 ? 2.362   -9.764  20.123  1.00 72.26 ? 18  U   A P     1 
ATOM   362 O OP1   . U   A 1 18 ? 2.185   -9.919  21.582  1.00 72.15 ? 18  U   A OP1   1 
ATOM   363 O OP2   . U   A 1 18 ? 3.737   -9.910  19.525  1.00 73.80 ? 18  U   A OP2   1 
ATOM   364 O "O5'" . U   A 1 18 ? 1.311   -10.728 19.380  1.00 67.92 ? 18  U   A "O5'" 1 
ATOM   365 C "C5'" . U   A 1 18 ? -0.029  -10.838 19.813  1.00 67.60 ? 18  U   A "C5'" 1 
ATOM   366 C "C4'" . U   A 1 18 ? -0.848  -11.720 18.903  1.00 66.55 ? 18  U   A "C4'" 1 
ATOM   367 O "O4'" . U   A 1 18 ? -0.761  -11.246 17.547  1.00 66.37 ? 18  U   A "O4'" 1 
ATOM   368 C "C3'" . U   A 1 18 ? -0.424  -13.166 18.775  1.00 66.07 ? 18  U   A "C3'" 1 
ATOM   369 O "O3'" . U   A 1 18 ? -0.756  -13.957 19.892  1.00 66.22 ? 18  U   A "O3'" 1 
ATOM   370 C "C2'" . U   A 1 18 ? -1.119  -13.590 17.482  1.00 65.71 ? 18  U   A "C2'" 1 
ATOM   371 O "O2'" . U   A 1 18 ? -2.516  -13.798 17.711  1.00 65.69 ? 18  U   A "O2'" 1 
ATOM   372 C "C1'" . U   A 1 18 ? -0.948  -12.325 16.643  1.00 65.81 ? 18  U   A "C1'" 1 
ATOM   373 N N1    . U   A 1 18 ? 0.203   -12.351 15.691  1.00 65.35 ? 18  U   A N1    1 
ATOM   374 C C2    . U   A 1 18 ? 0.172   -13.089 14.517  1.00 64.85 ? 18  U   A C2    1 
ATOM   375 O O2    . U   A 1 18 ? -0.786  -13.787 14.217  1.00 64.80 ? 18  U   A O2    1 
ATOM   376 N N3    . U   A 1 18 ? 1.303   -12.977 13.716  1.00 64.51 ? 18  U   A N3    1 
ATOM   377 C C4    . U   A 1 18 ? 2.432   -12.200 13.963  1.00 64.65 ? 18  U   A C4    1 
ATOM   378 O O4    . U   A 1 18 ? 3.413   -12.154 13.192  1.00 64.23 ? 18  U   A O4    1 
ATOM   379 C C5    . U   A 1 18 ? 2.363   -11.477 15.188  1.00 65.09 ? 18  U   A C5    1 
ATOM   380 C C6    . U   A 1 18 ? 1.292   -11.566 15.964  1.00 65.46 ? 18  U   A C6    1 
ATOM   381 P P     . G   A 1 19 ? 0.341   -14.963 20.479  1.00 65.89 ? 19  G   A P     1 
ATOM   382 O OP1   . G   A 1 19 ? -0.197  -15.312 21.819  1.00 65.71 ? 19  G   A OP1   1 
ATOM   383 O OP2   . G   A 1 19 ? 1.731   -14.432 20.338  1.00 66.93 ? 19  G   A OP2   1 
ATOM   384 O "O5'" . G   A 1 19 ? 0.180   -16.224 19.535  1.00 64.65 ? 19  G   A "O5'" 1 
ATOM   385 C "C5'" . G   A 1 19 ? -1.075  -16.864 19.413  1.00 63.67 ? 19  G   A "C5'" 1 
ATOM   386 C "C4'" . G   A 1 19 ? -1.082  -17.829 18.272  1.00 63.26 ? 19  G   A "C4'" 1 
ATOM   387 O "O4'" . G   A 1 19 ? -1.113  -17.068 17.050  1.00 63.62 ? 19  G   A "O4'" 1 
ATOM   388 C "C3'" . G   A 1 19 ? 0.137   -18.723 18.120  1.00 62.37 ? 19  G   A "C3'" 1 
ATOM   389 O "O3'" . G   A 1 19 ? 0.106   -19.869 18.958  1.00 62.19 ? 19  G   A "O3'" 1 
ATOM   390 C "C2'" . G   A 1 19 ? 0.100   -19.054 16.635  1.00 62.52 ? 19  G   A "C2'" 1 
ATOM   391 O "O2'" . G   A 1 19 ? -0.879  -20.048 16.350  1.00 62.25 ? 19  G   A "O2'" 1 
ATOM   392 C "C1'" . G   A 1 19 ? -0.348  -17.710 16.054  1.00 63.18 ? 19  G   A "C1'" 1 
ATOM   393 N N9    . G   A 1 19 ? 0.810   -16.838 15.770  1.00 63.09 ? 19  G   A N9    1 
ATOM   394 C C8    . G   A 1 19 ? 1.299   -15.862 16.618  1.00 63.73 ? 19  G   A C8    1 
ATOM   395 N N7    . G   A 1 19 ? 2.360   -15.253 16.182  1.00 63.54 ? 19  G   A N7    1 
ATOM   396 C C5    . G   A 1 19 ? 2.583   -15.877 14.947  1.00 63.37 ? 19  G   A C5    1 
ATOM   397 C C6    . G   A 1 19 ? 3.595   -15.647 13.961  1.00 63.18 ? 19  G   A C6    1 
ATOM   398 O O6    . G   A 1 19 ? 4.500   -14.823 14.008  1.00 63.06 ? 19  G   A O6    1 
ATOM   399 N N1    . G   A 1 19 ? 3.485   -16.494 12.864  1.00 62.91 ? 19  G   A N1    1 
ATOM   400 C C2    . G   A 1 19 ? 2.502   -17.448 12.715  1.00 63.09 ? 19  G   A C2    1 
ATOM   401 N N2    . G   A 1 19 ? 2.525   -18.183 11.588  1.00 62.95 ? 19  G   A N2    1 
ATOM   402 N N3    . G   A 1 19 ? 1.545   -17.658 13.626  1.00 62.94 ? 19  G   A N3    1 
ATOM   403 C C4    . G   A 1 19 ? 1.638   -16.856 14.697  1.00 63.05 ? 19  G   A C4    1 
ATOM   404 P P     . C   A 1 20 ? 1.364   -20.307 19.868  1.00 61.87 ? 20  C   A P     1 
ATOM   405 O OP1   . C   A 1 20 ? 0.675   -21.100 20.921  1.00 62.49 ? 20  C   A OP1   1 
ATOM   406 O OP2   . C   A 1 20 ? 2.291   -19.222 20.150  1.00 62.61 ? 20  C   A OP2   1 
ATOM   407 O "O5'" . C   A 1 20 ? 2.190   -21.316 18.979  1.00 61.47 ? 20  C   A "O5'" 1 
ATOM   408 C "C5'" . C   A 1 20 ? 1.586   -22.468 18.423  1.00 61.35 ? 20  C   A "C5'" 1 
ATOM   409 C "C4'" . C   A 1 20 ? 2.241   -22.839 17.127  1.00 61.04 ? 20  C   A "C4'" 1 
ATOM   410 O "O4'" . C   A 1 20 ? 2.007   -21.789 16.159  1.00 61.38 ? 20  C   A "O4'" 1 
ATOM   411 C "C3'" . C   A 1 20 ? 3.745   -22.961 17.149  1.00 61.04 ? 20  C   A "C3'" 1 
ATOM   412 O "O3'" . C   A 1 20 ? 4.198   -24.173 17.691  1.00 60.77 ? 20  C   A "O3'" 1 
ATOM   413 C "C2'" . C   A 1 20 ? 4.095   -22.785 15.688  1.00 60.92 ? 20  C   A "C2'" 1 
ATOM   414 O "O2'" . C   A 1 20 ? 3.775   -23.939 14.953  1.00 60.71 ? 20  C   A "O2'" 1 
ATOM   415 C "C1'" . C   A 1 20 ? 3.106   -21.696 15.281  1.00 61.29 ? 20  C   A "C1'" 1 
ATOM   416 N N1    . C   A 1 20 ? 3.751   -20.372 15.421  1.00 61.80 ? 20  C   A N1    1 
ATOM   417 C C2    . C   A 1 20 ? 4.690   -19.938 14.442  1.00 61.68 ? 20  C   A C2    1 
ATOM   418 O O2    . C   A 1 20 ? 4.927   -20.609 13.420  1.00 61.16 ? 20  C   A O2    1 
ATOM   419 N N3    . C   A 1 20 ? 5.313   -18.762 14.668  1.00 62.06 ? 20  C   A N3    1 
ATOM   420 C C4    . C   A 1 20 ? 5.027   -18.073 15.780  1.00 61.72 ? 20  C   A C4    1 
ATOM   421 N N4    . C   A 1 20 ? 5.619   -16.925 16.000  1.00 61.85 ? 20  C   A N4    1 
ATOM   422 C C5    . C   A 1 20 ? 4.105   -18.502 16.751  1.00 61.93 ? 20  C   A C5    1 
ATOM   423 C C6    . C   A 1 20 ? 3.509   -19.653 16.546  1.00 61.63 ? 20  C   A C6    1 
ATOM   424 P P     . C   A 1 21 ? 5.554   -24.231 18.539  1.00 60.59 ? 21  C   A P     1 
ATOM   425 O OP1   . C   A 1 21 ? 5.514   -25.575 19.146  1.00 59.60 ? 21  C   A OP1   1 
ATOM   426 O OP2   . C   A 1 21 ? 5.648   -23.032 19.391  1.00 60.76 ? 21  C   A OP2   1 
ATOM   427 O "O5'" . C   A 1 21 ? 6.755   -24.179 17.493  1.00 60.76 ? 21  C   A "O5'" 1 
ATOM   428 C "C5'" . C   A 1 21 ? 6.905   -25.160 16.489  1.00 60.74 ? 21  C   A "C5'" 1 
ATOM   429 C "C4'" . C   A 1 21 ? 7.868   -24.721 15.439  1.00 60.77 ? 21  C   A "C4'" 1 
ATOM   430 O "O4'" . C   A 1 21 ? 7.427   -23.472 14.866  1.00 61.02 ? 21  C   A "O4'" 1 
ATOM   431 C "C3'" . C   A 1 21 ? 9.292   -24.414 15.892  1.00 61.08 ? 21  C   A "C3'" 1 
ATOM   432 O "O3'" . C   A 1 21 ? 10.075  -25.563 16.086  1.00 60.80 ? 21  C   A "O3'" 1 
ATOM   433 C "C2'" . C   A 1 21 ? 9.809   -23.549 14.769  1.00 61.28 ? 21  C   A "C2'" 1 
ATOM   434 O "O2'" . C   A 1 21 ? 10.158  -24.339 13.639  1.00 61.25 ? 21  C   A "O2'" 1 
ATOM   435 C "C1'" . C   A 1 21 ? 8.562   -22.730 14.441  1.00 61.32 ? 21  C   A "C1'" 1 
ATOM   436 N N1    . C   A 1 21 ? 8.561   -21.422 15.132  1.00 61.70 ? 21  C   A N1    1 
ATOM   437 C C2    . C   A 1 21 ? 9.400   -20.384 14.640  1.00 62.31 ? 21  C   A C2    1 
ATOM   438 O O2    . C   A 1 21 ? 10.133  -20.624 13.674  1.00 62.29 ? 21  C   A O2    1 
ATOM   439 N N3    . C   A 1 21 ? 9.406   -19.167 15.228  1.00 61.94 ? 21  C   A N3    1 
ATOM   440 C C4    . C   A 1 21 ? 8.594   -19.006 16.277  1.00 62.07 ? 21  C   A C4    1 
ATOM   441 N N4    . C   A 1 21 ? 8.599   -17.832 16.870  1.00 61.85 ? 21  C   A N4    1 
ATOM   442 C C5    . C   A 1 21 ? 7.733   -20.027 16.805  1.00 61.40 ? 21  C   A C5    1 
ATOM   443 C C6    . C   A 1 21 ? 7.731   -21.221 16.211  1.00 61.26 ? 21  C   A C6    1 
ATOM   444 P P     . C   A 1 22 ? 11.176  -25.608 17.237  1.00 61.30 ? 22  C   A P     1 
ATOM   445 O OP1   . C   A 1 22 ? 11.521  -27.020 17.452  1.00 62.50 ? 22  C   A OP1   1 
ATOM   446 O OP2   . C   A 1 22 ? 10.773  -24.694 18.333  1.00 62.10 ? 22  C   A OP2   1 
ATOM   447 O "O5'" . C   A 1 22 ? 12.423  -24.993 16.532  1.00 62.16 ? 22  C   A "O5'" 1 
ATOM   448 C "C5'" . C   A 1 22 ? 12.874  -25.472 15.301  1.00 62.38 ? 22  C   A "C5'" 1 
ATOM   449 C "C4'" . C   A 1 22 ? 13.923  -24.517 14.834  1.00 62.96 ? 22  C   A "C4'" 1 
ATOM   450 O "O4'" . C   A 1 22 ? 13.301  -23.263 14.423  1.00 62.39 ? 22  C   A "O4'" 1 
ATOM   451 C "C3'" . C   A 1 22 ? 14.920  -24.063 15.891  1.00 63.37 ? 22  C   A "C3'" 1 
ATOM   452 O "O3'" . C   A 1 22 ? 15.894  -25.025 16.256  1.00 63.45 ? 22  C   A "O3'" 1 
ATOM   453 C "C2'" . C   A 1 22 ? 15.467  -22.782 15.263  1.00 62.91 ? 22  C   A "C2'" 1 
ATOM   454 O "O2'" . C   A 1 22 ? 16.316  -23.086 14.164  1.00 63.21 ? 22  C   A "O2'" 1 
ATOM   455 C "C1'" . C   A 1 22 ? 14.173  -22.181 14.706  1.00 62.80 ? 22  C   A "C1'" 1 
ATOM   456 N N1    . C   A 1 22 ? 13.484  -21.269 15.657  1.00 62.71 ? 22  C   A N1    1 
ATOM   457 C C2    . C   A 1 22 ? 13.855  -19.922 15.684  1.00 62.81 ? 22  C   A C2    1 
ATOM   458 O O2    . C   A 1 22 ? 14.750  -19.555 14.934  1.00 62.89 ? 22  C   A O2    1 
ATOM   459 N N3    . C   A 1 22 ? 13.248  -19.054 16.510  1.00 62.94 ? 22  C   A N3    1 
ATOM   460 C C4    . C   A 1 22 ? 12.265  -19.460 17.295  1.00 62.60 ? 22  C   A C4    1 
ATOM   461 N N4    . C   A 1 22 ? 11.684  -18.551 18.068  1.00 62.72 ? 22  C   A N4    1 
ATOM   462 C C5    . C   A 1 22 ? 11.860  -20.831 17.305  1.00 62.53 ? 22  C   A C5    1 
ATOM   463 C C6    . C   A 1 22 ? 12.480  -21.694 16.478  1.00 62.32 ? 22  C   A C6    1 
HETATM 464 O O     . HOH B 2 .  ? -4.710  12.808  -16.069 1.00 62.79 ? 101 HOH A O     1 
HETATM 465 O O     . HOH B 2 .  ? -7.557  18.926  -9.257  1.00 65.38 ? 102 HOH A O     1 
HETATM 466 O O     . HOH B 2 .  ? -7.249  14.921  -18.954 1.00 62.02 ? 103 HOH A O     1 
HETATM 467 O O     . HOH B 2 .  ? 5.507   -5.606  3.078   1.00 61.43 ? 104 HOH A O     1 
HETATM 468 O O     . HOH B 2 .  ? -3.876  11.599  -10.367 1.00 62.48 ? 105 HOH A O     1 
HETATM 469 O O     . HOH B 2 .  ? 1.357   -4.217  2.518   1.00 60.20 ? 106 HOH A O     1 
HETATM 470 O O     . HOH B 2 .  ? -7.813  13.403  -21.011 1.00 62.15 ? 107 HOH A O     1 
HETATM 471 O O     . HOH B 2 .  ? 4.962   -7.237  8.751   1.00 61.83 ? 108 HOH A O     1 
HETATM 472 O O     . HOH B 2 .  ? -0.167  16.783  -24.280 1.00 63.83 ? 109 HOH A O     1 
HETATM 473 O O     . HOH B 2 .  ? 7.026   -17.561 19.540  1.00 58.49 ? 110 HOH A O     1 
HETATM 474 O O     . HOH B 2 .  ? -11.299 16.219  -6.757  1.00 66.99 ? 111 HOH A O     1 
# 
